data_1DWW
#
_entry.id   1DWW
#
_cell.length_a   212.980
_cell.length_b   212.980
_cell.length_c   114.200
_cell.angle_alpha   90.00
_cell.angle_beta   90.00
_cell.angle_gamma   120.00
#
_symmetry.space_group_name_H-M   'P 61 2 2'
#
loop_
_entity.id
_entity.type
_entity.pdbx_description
1 polymer 'NITRIC OXIDE SYNTHASE'
2 non-polymer 'PROTOPORPHYRIN IX CONTAINING FE'
3 non-polymer 2-AMINO-6-(1,2-DIHYDROXY-PROPYL)-7,8-DIHYDRO-6H-PTERIDIN-4-ONE
4 non-polymer 'ZINC ION'
5 non-polymer 'SULFATE ION'
6 non-polymer N-OMEGA-HYDROXY-L-ARGININE
7 water water
#
_entity_poly.entity_id   1
_entity_poly.type   'polypeptide(L)'
_entity_poly.pdbx_seq_one_letter_code
;QYVRIKNWGSGEILHDTLHHKATSDFTCKSKSCLGSIMNPKSLTRGPRDKPTPLEELLPHAIEFINQYYGSFKEAKIEEH
LARLEAVTKEIETTGTYQLTLDELIFATKMAWRNAPRCIGRIQWSNLQVFDARNCSTAQEMFQHICRHILYATNNGNIRS
AITVFPQRSDGKHDFRLWNSQLIRYAGYQMPDGTIRGDAATLEFTQLCIDLGWKPRYGRFDVLPLVLQADGQDPEVFEIP
PDLVLEVTMEHPKYEWFQELGLKWYALPAVANMLLEVGGLEFPACPFNGWYMGTEIGVRDFCDTQRYNILEEVGRRMGLE
THTLASLWKDRAVTEINVAVLHSFQKQNVTIMDHHTASESFMKHMQNEYRARGGCPADWIWLVPPVSGSITPVFHQEMLN
YVLSPFYYYQIEPWKTHIWQ
;
_entity_poly.pdbx_strand_id   A,B
#
# COMPACT_ATOMS: atom_id res chain seq x y z
N GLN A 1 17.40 6.95 52.91
CA GLN A 1 18.04 5.69 53.29
C GLN A 1 17.41 4.51 52.54
N TYR A 2 16.10 4.36 52.71
CA TYR A 2 15.35 3.30 52.04
C TYR A 2 13.87 3.62 52.09
N VAL A 3 13.11 3.09 51.13
CA VAL A 3 11.69 3.32 51.10
C VAL A 3 10.99 2.15 51.77
N ARG A 4 10.06 2.49 52.65
CA ARG A 4 9.30 1.51 53.40
C ARG A 4 8.12 1.03 52.56
N ILE A 5 8.03 -0.28 52.39
CA ILE A 5 6.95 -0.88 51.62
C ILE A 5 6.13 -1.87 52.45
N LYS A 6 4.82 -1.80 52.31
CA LYS A 6 3.94 -2.69 53.06
C LYS A 6 2.98 -3.52 52.22
N ASN A 7 2.69 -4.73 52.70
CA ASN A 7 1.72 -5.61 52.06
C ASN A 7 0.52 -5.58 53.02
N TRP A 8 -0.59 -5.00 52.54
CA TRP A 8 -1.80 -4.86 53.33
C TRP A 8 -2.56 -6.14 53.57
N GLY A 9 -2.07 -7.23 52.97
CA GLY A 9 -2.72 -8.51 53.14
C GLY A 9 -2.18 -9.25 54.34
N SER A 10 -0.87 -9.31 54.41
CA SER A 10 -0.14 -10.01 55.47
C SER A 10 0.33 -9.08 56.59
N GLY A 11 0.41 -7.79 56.26
CA GLY A 11 0.89 -6.85 57.24
C GLY A 11 2.41 -6.77 57.20
N GLU A 12 3.03 -7.60 56.38
CA GLU A 12 4.49 -7.63 56.24
C GLU A 12 5.05 -6.32 55.66
N ILE A 13 6.28 -6.02 56.08
CA ILE A 13 6.95 -4.80 55.66
C ILE A 13 8.33 -5.10 55.10
N LEU A 14 8.66 -4.40 54.02
CA LEU A 14 9.96 -4.56 53.36
C LEU A 14 10.62 -3.20 53.18
N HIS A 15 11.95 -3.21 53.09
CA HIS A 15 12.72 -2.00 52.93
C HIS A 15 13.42 -2.03 51.58
N ASP A 16 13.08 -1.08 50.72
CA ASP A 16 13.68 -1.02 49.39
C ASP A 16 14.96 -0.18 49.32
N THR A 17 16.07 -0.85 49.04
CA THR A 17 17.38 -0.21 48.87
C THR A 17 17.75 -0.15 47.39
N LEU A 18 17.25 -1.13 46.62
CA LEU A 18 17.54 -1.25 45.19
C LEU A 18 17.25 -0.05 44.30
N HIS A 19 16.19 0.70 44.60
CA HIS A 19 15.83 1.86 43.79
C HIS A 19 16.95 2.90 43.66
N HIS A 20 17.91 2.86 44.59
CA HIS A 20 19.03 3.78 44.57
C HIS A 20 19.95 3.61 43.37
N LYS A 21 19.94 2.42 42.79
CA LYS A 21 20.78 2.11 41.63
C LYS A 21 20.13 2.44 40.29
N ALA A 22 18.91 3.00 40.33
CA ALA A 22 18.16 3.35 39.13
C ALA A 22 18.92 4.30 38.21
N THR A 23 18.82 4.01 36.91
CA THR A 23 19.50 4.77 35.85
C THR A 23 19.29 6.29 35.89
N SER A 24 18.31 6.76 35.12
CA SER A 24 18.02 8.19 35.04
C SER A 24 16.55 8.46 35.38
N ASP A 25 16.02 9.56 34.86
CA ASP A 25 14.64 9.95 35.11
C ASP A 25 13.66 8.88 34.67
N PHE A 26 12.52 8.82 35.36
CA PHE A 26 11.49 7.85 35.04
C PHE A 26 10.30 8.55 34.36
N THR A 27 9.17 7.86 34.29
CA THR A 27 7.97 8.37 33.65
C THR A 27 7.33 9.58 34.32
N CYS A 28 7.23 9.53 35.65
CA CYS A 28 6.58 10.58 36.41
C CYS A 28 7.41 11.84 36.63
N LYS A 29 6.71 12.91 36.96
CA LYS A 29 7.33 14.20 37.22
C LYS A 29 7.33 14.52 38.72
N SER A 30 7.71 15.74 39.07
CA SER A 30 7.75 16.15 40.47
C SER A 30 6.37 16.40 41.07
N LYS A 31 5.43 16.82 40.24
CA LYS A 31 4.07 17.10 40.69
C LYS A 31 2.99 16.27 40.02
N SER A 32 3.41 15.24 39.30
CA SER A 32 2.47 14.35 38.62
C SER A 32 2.94 12.91 38.53
N CYS A 33 2.00 11.98 38.51
CA CYS A 33 2.32 10.58 38.36
C CYS A 33 1.71 10.18 37.04
N LEU A 34 2.53 9.62 36.17
CA LEU A 34 2.08 9.20 34.85
C LEU A 34 2.27 7.69 34.72
N GLY A 35 2.27 6.98 35.84
CA GLY A 35 2.46 5.53 35.82
C GLY A 35 1.46 4.78 34.96
N SER A 36 0.40 5.46 34.55
CA SER A 36 -0.67 4.89 33.73
C SER A 36 -0.37 4.89 32.23
N ILE A 37 0.64 5.66 31.81
CA ILE A 37 1.03 5.77 30.42
C ILE A 37 1.63 4.48 29.88
N MET A 38 1.08 4.02 28.76
CA MET A 38 1.52 2.79 28.12
C MET A 38 2.95 2.84 27.59
N ASN A 39 3.21 3.77 26.67
CA ASN A 39 4.52 3.90 26.05
C ASN A 39 5.21 5.22 26.35
N PRO A 40 5.73 5.38 27.57
CA PRO A 40 6.41 6.63 27.94
C PRO A 40 7.85 6.56 27.44
N LYS A 41 8.44 7.72 27.18
CA LYS A 41 9.82 7.81 26.71
C LYS A 41 10.84 7.11 27.63
N SER A 42 10.57 7.15 28.92
CA SER A 42 11.45 6.54 29.92
C SER A 42 11.56 5.03 29.76
N LEU A 43 10.60 4.44 29.06
CA LEU A 43 10.60 3.02 28.83
C LEU A 43 10.93 2.72 27.37
N THR A 44 11.37 3.75 26.65
CA THR A 44 11.68 3.68 25.22
C THR A 44 13.13 4.07 24.90
N ARG A 45 13.75 3.31 24.00
CA ARG A 45 15.14 3.56 23.56
C ARG A 45 15.08 3.72 22.03
N GLY A 46 15.16 4.97 21.57
CA GLY A 46 15.08 5.29 20.15
C GLY A 46 16.23 4.95 19.21
N PRO A 47 16.17 5.45 17.96
CA PRO A 47 17.17 5.24 16.90
C PRO A 47 18.41 6.08 17.17
N ARG A 48 19.39 5.93 16.29
CA ARG A 48 20.66 6.65 16.41
C ARG A 48 21.29 6.83 15.03
N ASP A 49 22.08 7.89 14.89
CA ASP A 49 22.77 8.20 13.64
C ASP A 49 24.27 8.01 13.74
N LYS A 50 24.78 8.09 14.96
CA LYS A 50 26.21 7.95 15.22
C LYS A 50 26.42 6.93 16.32
N PRO A 51 27.63 6.38 16.43
CA PRO A 51 27.91 5.40 17.48
C PRO A 51 27.78 6.05 18.85
N THR A 52 27.81 5.24 19.90
CA THR A 52 27.72 5.72 21.28
C THR A 52 29.01 6.37 21.75
N PRO A 53 28.93 7.60 22.31
CA PRO A 53 30.08 8.35 22.82
C PRO A 53 30.90 7.50 23.77
N LEU A 54 32.21 7.47 23.57
CA LEU A 54 33.11 6.68 24.40
C LEU A 54 33.01 7.00 25.88
N GLU A 55 32.90 8.29 26.20
CA GLU A 55 32.80 8.72 27.60
C GLU A 55 31.56 8.13 28.28
N GLU A 56 30.54 7.83 27.49
CA GLU A 56 29.32 7.26 28.01
C GLU A 56 29.45 5.75 28.08
N LEU A 57 29.97 5.16 27.00
CA LEU A 57 30.14 3.72 26.90
C LEU A 57 31.02 3.11 27.99
N LEU A 58 32.23 3.63 28.15
CA LEU A 58 33.18 3.08 29.12
C LEU A 58 32.69 2.88 30.55
N PRO A 59 32.16 3.93 31.21
CA PRO A 59 31.67 3.79 32.59
C PRO A 59 30.60 2.71 32.68
N HIS A 60 29.67 2.73 31.72
CA HIS A 60 28.59 1.75 31.66
C HIS A 60 29.14 0.34 31.52
N ALA A 61 30.15 0.19 30.67
CA ALA A 61 30.78 -1.09 30.45
C ALA A 61 31.43 -1.62 31.73
N ILE A 62 32.20 -0.77 32.40
CA ILE A 62 32.87 -1.14 33.66
C ILE A 62 31.86 -1.50 34.74
N GLU A 63 30.78 -0.74 34.82
CA GLU A 63 29.74 -1.01 35.82
C GLU A 63 29.16 -2.41 35.63
N PHE A 64 28.93 -2.79 34.37
CA PHE A 64 28.38 -4.10 34.06
C PHE A 64 29.35 -5.21 34.43
N ILE A 65 30.63 -5.04 34.08
CA ILE A 65 31.63 -6.06 34.40
C ILE A 65 31.75 -6.26 35.92
N ASN A 66 31.65 -5.18 36.67
CA ASN A 66 31.74 -5.27 38.12
C ASN A 66 30.49 -5.98 38.65
N GLN A 67 29.35 -5.76 38.00
CA GLN A 67 28.11 -6.41 38.43
C GLN A 67 28.24 -7.91 38.15
N TYR A 68 28.68 -8.23 36.94
CA TYR A 68 28.85 -9.60 36.49
C TYR A 68 29.82 -10.38 37.37
N TYR A 69 30.97 -9.79 37.66
CA TYR A 69 31.96 -10.46 38.49
C TYR A 69 31.60 -10.51 39.96
N GLY A 70 30.83 -9.53 40.42
CA GLY A 70 30.41 -9.51 41.82
C GLY A 70 29.21 -10.43 41.99
N SER A 71 28.93 -11.24 40.96
CA SER A 71 27.81 -12.14 40.94
C SER A 71 28.08 -13.55 41.46
N PHE A 72 29.21 -14.16 41.09
CA PHE A 72 29.50 -15.52 41.55
C PHE A 72 29.90 -15.55 43.02
N LYS A 73 29.60 -16.67 43.68
CA LYS A 73 29.87 -16.90 45.10
C LYS A 73 31.28 -16.53 45.55
N GLU A 74 32.29 -17.16 44.94
CA GLU A 74 33.69 -16.87 45.26
C GLU A 74 34.37 -16.17 44.09
N ALA A 75 34.13 -14.86 44.03
CA ALA A 75 34.65 -13.97 43.01
C ALA A 75 36.03 -14.31 42.45
N LYS A 76 36.12 -14.40 41.13
CA LYS A 76 37.37 -14.69 40.42
C LYS A 76 38.07 -13.36 40.16
N ILE A 77 38.66 -12.81 41.22
CA ILE A 77 39.35 -11.51 41.18
C ILE A 77 40.33 -11.31 40.03
N GLU A 78 41.22 -12.27 39.82
CA GLU A 78 42.20 -12.16 38.74
C GLU A 78 41.53 -12.05 37.37
N GLU A 79 40.43 -12.77 37.18
CA GLU A 79 39.70 -12.74 35.93
C GLU A 79 38.88 -11.46 35.84
N HIS A 80 38.36 -11.03 36.99
CA HIS A 80 37.57 -9.82 37.08
C HIS A 80 38.42 -8.65 36.62
N LEU A 81 39.63 -8.57 37.18
CA LEU A 81 40.58 -7.52 36.85
C LEU A 81 40.97 -7.60 35.38
N ALA A 82 41.23 -8.81 34.90
CA ALA A 82 41.63 -9.03 33.52
C ALA A 82 40.57 -8.62 32.49
N ARG A 83 39.30 -8.86 32.83
CA ARG A 83 38.20 -8.52 31.91
C ARG A 83 38.04 -7.01 31.83
N LEU A 84 38.17 -6.34 32.97
CA LEU A 84 38.08 -4.88 33.03
C LEU A 84 39.10 -4.30 32.07
N GLU A 85 40.31 -4.85 32.10
CA GLU A 85 41.39 -4.39 31.23
C GLU A 85 41.09 -4.65 29.75
N ALA A 86 40.72 -5.90 29.45
CA ALA A 86 40.43 -6.29 28.07
C ALA A 86 39.25 -5.52 27.46
N VAL A 87 38.25 -5.18 28.27
CA VAL A 87 37.11 -4.45 27.74
C VAL A 87 37.47 -3.00 27.43
N THR A 88 38.27 -2.39 28.29
CA THR A 88 38.70 -1.02 28.09
C THR A 88 39.54 -0.95 26.82
N LYS A 89 40.47 -1.91 26.69
CA LYS A 89 41.34 -2.01 25.54
C LYS A 89 40.54 -2.19 24.25
N GLU A 90 39.46 -2.97 24.34
CA GLU A 90 38.63 -3.22 23.16
C GLU A 90 37.85 -1.97 22.79
N ILE A 91 37.36 -1.25 23.80
CA ILE A 91 36.61 -0.02 23.57
C ILE A 91 37.48 1.04 22.89
N GLU A 92 38.70 1.24 23.38
CA GLU A 92 39.57 2.23 22.78
C GLU A 92 40.18 1.83 21.43
N THR A 93 40.06 0.55 21.10
CA THR A 93 40.59 0.05 19.84
C THR A 93 39.53 -0.10 18.75
N THR A 94 38.31 -0.44 19.15
CA THR A 94 37.24 -0.65 18.18
C THR A 94 36.07 0.33 18.23
N GLY A 95 36.00 1.12 19.30
CA GLY A 95 34.91 2.07 19.44
C GLY A 95 33.72 1.44 20.14
N THR A 96 33.85 0.16 20.45
CA THR A 96 32.80 -0.61 21.12
C THR A 96 33.44 -1.89 21.65
N TYR A 97 32.61 -2.83 22.10
CA TYR A 97 33.11 -4.10 22.61
C TYR A 97 32.07 -5.19 22.51
N GLN A 98 32.53 -6.42 22.63
CA GLN A 98 31.67 -7.59 22.57
C GLN A 98 31.58 -8.28 23.92
N LEU A 99 30.37 -8.71 24.27
CA LEU A 99 30.14 -9.42 25.53
C LEU A 99 30.54 -10.87 25.36
N THR A 100 30.94 -11.51 26.44
CA THR A 100 31.26 -12.94 26.35
C THR A 100 29.89 -13.60 26.38
N LEU A 101 29.79 -14.83 25.87
CA LEU A 101 28.50 -15.53 25.88
C LEU A 101 27.96 -15.58 27.31
N ASP A 102 28.86 -15.81 28.27
CA ASP A 102 28.50 -15.88 29.68
C ASP A 102 27.87 -14.58 30.18
N GLU A 103 28.49 -13.47 29.80
CA GLU A 103 28.01 -12.15 30.18
C GLU A 103 26.65 -11.86 29.55
N LEU A 104 26.46 -12.33 28.32
CA LEU A 104 25.20 -12.13 27.60
C LEU A 104 24.09 -12.84 28.36
N ILE A 105 24.36 -14.10 28.71
CA ILE A 105 23.43 -14.94 29.44
C ILE A 105 23.03 -14.25 30.76
N PHE A 106 24.02 -13.73 31.47
CA PHE A 106 23.79 -13.04 32.72
C PHE A 106 22.94 -11.79 32.45
N ALA A 107 23.31 -11.08 31.38
CA ALA A 107 22.62 -9.87 30.97
C ALA A 107 21.14 -10.06 30.61
N THR A 108 20.85 -11.10 29.84
CA THR A 108 19.47 -11.35 29.45
C THR A 108 18.62 -11.76 30.65
N LYS A 109 19.21 -12.52 31.56
CA LYS A 109 18.51 -12.95 32.77
C LYS A 109 18.27 -11.79 33.73
N MET A 110 19.29 -10.96 33.92
CA MET A 110 19.20 -9.79 34.79
C MET A 110 18.21 -8.78 34.26
N ALA A 111 18.20 -8.60 32.94
CA ALA A 111 17.29 -7.65 32.29
C ALA A 111 15.86 -8.12 32.49
N TRP A 112 15.68 -9.43 32.44
CA TRP A 112 14.38 -10.05 32.65
C TRP A 112 14.04 -9.81 34.14
N ARG A 113 15.02 -10.06 35.00
CA ARG A 113 14.89 -9.85 36.43
C ARG A 113 14.45 -8.40 36.66
N ASN A 114 15.00 -7.49 35.85
CA ASN A 114 14.71 -6.06 35.93
C ASN A 114 13.45 -5.58 35.19
N ALA A 115 12.70 -6.50 34.57
CA ALA A 115 11.49 -6.10 33.85
C ALA A 115 10.38 -5.88 34.88
N PRO A 116 10.05 -4.61 35.17
CA PRO A 116 9.01 -4.29 36.15
C PRO A 116 7.60 -4.69 35.75
N ARG A 117 7.39 -4.97 34.47
CA ARG A 117 6.07 -5.35 33.99
C ARG A 117 5.84 -6.84 33.78
N CYS A 118 6.79 -7.65 34.24
CA CYS A 118 6.71 -9.10 34.11
C CYS A 118 6.45 -9.81 35.44
N ILE A 119 5.33 -10.54 35.49
CA ILE A 119 4.90 -11.29 36.65
C ILE A 119 5.54 -12.66 36.73
N GLY A 120 6.15 -13.09 35.62
CA GLY A 120 6.76 -14.41 35.56
C GLY A 120 8.19 -14.49 36.02
N ARG A 121 8.73 -13.39 36.52
CA ARG A 121 10.12 -13.31 36.97
C ARG A 121 10.71 -14.30 37.98
N ILE A 122 9.90 -15.19 38.52
CA ILE A 122 10.46 -16.18 39.44
C ILE A 122 11.26 -17.20 38.62
N GLN A 123 10.98 -17.21 37.31
CA GLN A 123 11.63 -18.09 36.35
C GLN A 123 12.90 -17.49 35.75
N TRP A 124 13.28 -16.31 36.21
CA TRP A 124 14.43 -15.59 35.67
C TRP A 124 15.73 -16.34 35.44
N SER A 125 16.03 -17.36 36.25
CA SER A 125 17.27 -18.12 36.07
C SER A 125 17.16 -19.29 35.08
N ASN A 126 15.96 -19.50 34.52
CA ASN A 126 15.74 -20.56 33.55
C ASN A 126 15.45 -19.90 32.20
N LEU A 127 16.49 -19.68 31.40
CA LEU A 127 16.32 -19.02 30.11
C LEU A 127 17.39 -19.45 29.13
N GLN A 128 16.94 -19.93 27.97
CA GLN A 128 17.84 -20.38 26.91
C GLN A 128 18.22 -19.16 26.09
N VAL A 129 19.51 -19.03 25.80
CA VAL A 129 19.98 -17.88 25.05
C VAL A 129 20.56 -18.30 23.70
N PHE A 130 19.99 -17.77 22.62
CA PHE A 130 20.48 -18.09 21.28
C PHE A 130 21.32 -16.92 20.76
N ASP A 131 22.60 -17.19 20.60
CA ASP A 131 23.56 -16.20 20.15
C ASP A 131 23.60 -16.06 18.63
N ALA A 132 22.86 -15.10 18.10
CA ALA A 132 22.82 -14.83 16.66
C ALA A 132 23.51 -13.50 16.41
N ARG A 133 24.53 -13.22 17.22
CA ARG A 133 25.27 -11.98 17.08
C ARG A 133 26.16 -11.92 15.83
N ASN A 134 26.27 -13.04 15.13
CA ASN A 134 27.06 -13.14 13.90
C ASN A 134 26.20 -13.12 12.64
N CYS A 135 24.90 -12.88 12.81
CA CYS A 135 23.95 -12.84 11.70
C CYS A 135 24.15 -11.61 10.82
N SER A 136 23.95 -11.75 9.51
CA SER A 136 24.15 -10.62 8.62
C SER A 136 23.10 -10.39 7.54
N THR A 137 22.34 -11.43 7.20
CA THR A 137 21.31 -11.27 6.17
C THR A 137 19.90 -11.49 6.73
N ALA A 138 18.90 -10.95 6.01
CA ALA A 138 17.50 -11.11 6.37
C ALA A 138 17.17 -12.59 6.38
N GLN A 139 17.70 -13.32 5.41
CA GLN A 139 17.45 -14.74 5.30
C GLN A 139 17.98 -15.48 6.51
N GLU A 140 19.13 -15.04 7.03
CA GLU A 140 19.72 -15.68 8.21
C GLU A 140 18.91 -15.35 9.48
N MET A 141 18.33 -14.16 9.52
CA MET A 141 17.51 -13.76 10.66
C MET A 141 16.31 -14.69 10.69
N PHE A 142 15.65 -14.80 9.54
CA PHE A 142 14.48 -15.65 9.37
C PHE A 142 14.75 -17.07 9.83
N GLN A 143 15.94 -17.57 9.52
CA GLN A 143 16.32 -18.93 9.91
C GLN A 143 16.46 -19.02 11.43
N HIS A 144 17.12 -18.02 12.03
CA HIS A 144 17.31 -18.00 13.47
C HIS A 144 15.97 -17.92 14.20
N ILE A 145 15.07 -17.11 13.66
CA ILE A 145 13.75 -16.93 14.23
C ILE A 145 12.99 -18.25 14.21
N CYS A 146 13.12 -19.01 13.12
CA CYS A 146 12.45 -20.30 13.00
C CYS A 146 12.94 -21.28 14.06
N ARG A 147 14.26 -21.34 14.25
CA ARG A 147 14.86 -22.22 15.25
C ARG A 147 14.36 -21.84 16.64
N HIS A 148 14.13 -20.54 16.85
CA HIS A 148 13.63 -20.05 18.14
C HIS A 148 12.23 -20.57 18.36
N ILE A 149 11.33 -20.27 17.42
CA ILE A 149 9.94 -20.70 17.49
C ILE A 149 9.85 -22.20 17.76
N LEU A 150 10.67 -22.97 17.03
CA LEU A 150 10.67 -24.43 17.20
C LEU A 150 11.12 -24.86 18.59
N TYR A 151 12.18 -24.24 19.10
CA TYR A 151 12.71 -24.58 20.42
C TYR A 151 11.77 -24.16 21.55
N ALA A 152 11.32 -22.91 21.50
CA ALA A 152 10.44 -22.36 22.51
C ALA A 152 9.20 -23.23 22.63
N THR A 153 8.58 -23.50 21.48
CA THR A 153 7.37 -24.31 21.41
C THR A 153 7.52 -25.68 22.06
N ASN A 154 8.57 -26.41 21.69
CA ASN A 154 8.85 -27.74 22.21
C ASN A 154 7.60 -28.63 22.25
N ASN A 155 6.74 -28.47 21.26
CA ASN A 155 5.50 -29.23 21.15
C ASN A 155 4.61 -29.06 22.39
N GLY A 156 4.27 -27.81 22.70
CA GLY A 156 3.43 -27.51 23.85
C GLY A 156 4.13 -27.32 25.19
N ASN A 157 5.20 -28.07 25.44
CA ASN A 157 5.95 -27.94 26.70
C ASN A 157 6.91 -26.75 26.62
N ILE A 158 6.33 -25.56 26.58
CA ILE A 158 7.05 -24.29 26.46
C ILE A 158 8.34 -24.10 27.30
N ARG A 159 9.33 -23.52 26.64
CA ARG A 159 10.61 -23.22 27.29
C ARG A 159 10.93 -21.76 27.00
N SER A 160 11.35 -21.03 28.04
CA SER A 160 11.69 -19.62 27.92
C SER A 160 12.96 -19.51 27.08
N ALA A 161 12.96 -18.60 26.13
CA ALA A 161 14.11 -18.44 25.27
C ALA A 161 14.21 -17.04 24.69
N ILE A 162 15.41 -16.66 24.28
CA ILE A 162 15.66 -15.36 23.67
C ILE A 162 16.76 -15.51 22.61
N THR A 163 16.65 -14.79 21.51
CA THR A 163 17.70 -14.86 20.51
C THR A 163 18.24 -13.46 20.30
N VAL A 164 19.55 -13.33 20.44
CA VAL A 164 20.20 -12.04 20.30
C VAL A 164 20.86 -11.85 18.95
N PHE A 165 20.46 -10.80 18.25
CA PHE A 165 21.03 -10.46 16.95
C PHE A 165 22.14 -9.43 17.16
N PRO A 166 22.86 -9.05 16.09
CA PRO A 166 23.94 -8.05 16.21
C PRO A 166 23.56 -6.74 16.88
N GLN A 167 24.40 -6.31 17.81
CA GLN A 167 24.19 -5.06 18.53
C GLN A 167 24.26 -3.86 17.59
N ARG A 168 23.59 -2.78 17.96
CA ARG A 168 23.58 -1.56 17.16
C ARG A 168 25.01 -1.02 17.06
N SER A 169 25.47 -0.82 15.83
CA SER A 169 26.80 -0.28 15.59
C SER A 169 26.73 1.24 15.54
N ASP A 170 26.41 1.80 14.38
CA ASP A 170 26.30 3.26 14.27
C ASP A 170 24.85 3.75 14.24
N GLY A 171 23.91 2.81 14.25
CA GLY A 171 22.51 3.17 14.23
C GLY A 171 21.88 3.23 12.85
N LYS A 172 22.70 3.01 11.81
CA LYS A 172 22.20 3.03 10.45
C LYS A 172 22.26 1.63 9.86
N HIS A 173 22.65 0.68 10.70
CA HIS A 173 22.77 -0.71 10.31
C HIS A 173 22.04 -1.64 11.28
N ASP A 174 20.94 -1.15 11.85
CA ASP A 174 20.15 -1.92 12.82
C ASP A 174 19.43 -3.13 12.29
N PHE A 175 19.45 -4.20 13.08
CA PHE A 175 18.69 -5.41 12.74
C PHE A 175 17.38 -5.17 13.49
N ARG A 176 16.26 -5.24 12.78
CA ARG A 176 14.97 -5.02 13.43
C ARG A 176 13.90 -5.96 12.94
N LEU A 177 13.04 -6.43 13.85
CA LEU A 177 11.90 -7.24 13.47
C LEU A 177 10.78 -6.21 13.54
N TRP A 178 10.09 -6.01 12.42
CA TRP A 178 9.00 -5.04 12.35
C TRP A 178 7.72 -5.55 12.99
N ASN A 179 7.68 -6.84 13.31
CA ASN A 179 6.51 -7.46 13.94
C ASN A 179 6.44 -7.13 15.45
N SER A 180 5.23 -7.08 16.01
CA SER A 180 5.01 -6.83 17.44
C SER A 180 5.55 -8.07 18.13
N GLN A 181 5.06 -9.23 17.70
CA GLN A 181 5.51 -10.51 18.23
C GLN A 181 5.82 -11.46 17.08
N LEU A 182 6.54 -12.53 17.40
CA LEU A 182 6.91 -13.52 16.41
C LEU A 182 5.69 -14.02 15.67
N ILE A 183 4.70 -14.49 16.43
CA ILE A 183 3.45 -15.00 15.87
C ILE A 183 2.31 -14.03 16.22
N ARG A 184 1.61 -13.56 15.20
CA ARG A 184 0.54 -12.60 15.38
C ARG A 184 -0.47 -12.72 14.23
N TYR A 185 -1.76 -12.54 14.52
CA TYR A 185 -2.81 -12.63 13.51
C TYR A 185 -3.07 -11.33 12.79
N ALA A 186 -3.47 -11.45 11.53
CA ALA A 186 -3.76 -10.30 10.68
C ALA A 186 -5.12 -9.69 10.99
N GLY A 187 -5.29 -8.43 10.59
CA GLY A 187 -6.54 -7.72 10.80
C GLY A 187 -6.92 -7.05 9.51
N TYR A 188 -8.13 -7.30 9.02
CA TYR A 188 -8.57 -6.71 7.76
C TYR A 188 -9.80 -5.82 7.91
N GLN A 189 -9.78 -4.71 7.20
CA GLN A 189 -10.88 -3.77 7.17
C GLN A 189 -11.83 -4.20 6.04
N MET A 190 -12.56 -5.29 6.28
CA MET A 190 -13.50 -5.87 5.31
C MET A 190 -14.53 -4.91 4.70
N PRO A 191 -15.08 -5.26 3.52
CA PRO A 191 -16.07 -4.49 2.75
C PRO A 191 -17.34 -4.09 3.49
N ASP A 192 -17.90 -5.03 4.27
CA ASP A 192 -19.12 -4.79 5.02
C ASP A 192 -18.97 -3.94 6.29
N GLY A 193 -17.94 -3.10 6.33
CA GLY A 193 -17.71 -2.23 7.48
C GLY A 193 -17.09 -2.83 8.73
N THR A 194 -17.10 -4.16 8.81
CA THR A 194 -16.55 -4.86 9.97
C THR A 194 -15.01 -4.90 9.94
N ILE A 195 -14.45 -5.81 10.72
CA ILE A 195 -13.00 -6.01 10.81
C ILE A 195 -12.77 -7.47 11.18
N ARG A 196 -12.02 -8.20 10.35
CA ARG A 196 -11.77 -9.60 10.65
C ARG A 196 -10.38 -9.85 11.22
N GLY A 197 -10.30 -10.85 12.09
CA GLY A 197 -9.05 -11.21 12.72
C GLY A 197 -8.72 -10.43 13.97
N ASP A 198 -7.51 -9.91 14.02
CA ASP A 198 -7.00 -9.11 15.13
C ASP A 198 -6.88 -7.65 14.70
N ALA A 199 -7.83 -6.84 15.15
CA ALA A 199 -7.88 -5.41 14.84
C ALA A 199 -6.64 -4.62 15.28
N ALA A 200 -5.87 -5.17 16.20
CA ALA A 200 -4.67 -4.49 16.70
C ALA A 200 -3.58 -4.46 15.63
N THR A 201 -3.52 -5.50 14.82
CA THR A 201 -2.53 -5.59 13.75
C THR A 201 -3.08 -5.10 12.41
N LEU A 202 -3.92 -4.05 12.43
CA LEU A 202 -4.50 -3.51 11.21
C LEU A 202 -3.50 -2.77 10.32
N GLU A 203 -2.93 -1.70 10.87
CA GLU A 203 -1.95 -0.85 10.17
C GLU A 203 -0.74 -1.65 9.68
N PHE A 204 -0.36 -2.68 10.44
CA PHE A 204 0.78 -3.52 10.09
C PHE A 204 0.42 -4.52 9.00
N THR A 205 -0.83 -4.98 8.99
CA THR A 205 -1.29 -5.92 7.98
C THR A 205 -1.19 -5.25 6.61
N GLN A 206 -1.64 -4.00 6.53
CA GLN A 206 -1.59 -3.25 5.29
C GLN A 206 -0.14 -3.13 4.83
N LEU A 207 0.75 -2.82 5.78
CA LEU A 207 2.17 -2.68 5.50
C LEU A 207 2.69 -3.95 4.82
N CYS A 208 2.28 -5.09 5.35
CA CYS A 208 2.68 -6.37 4.80
C CYS A 208 2.13 -6.49 3.37
N ILE A 209 0.93 -5.96 3.15
CA ILE A 209 0.28 -6.00 1.84
C ILE A 209 1.07 -5.16 0.84
N ASP A 210 1.34 -3.91 1.20
CA ASP A 210 2.10 -3.00 0.35
C ASP A 210 3.46 -3.61 -0.04
N LEU A 211 3.97 -4.49 0.82
CA LEU A 211 5.25 -5.15 0.60
C LEU A 211 5.11 -6.47 -0.16
N GLY A 212 3.93 -6.69 -0.72
CA GLY A 212 3.69 -7.91 -1.48
C GLY A 212 3.19 -9.15 -0.77
N TRP A 213 2.67 -9.02 0.44
CA TRP A 213 2.15 -10.18 1.16
C TRP A 213 0.77 -10.55 0.61
N LYS A 214 0.49 -11.86 0.57
CA LYS A 214 -0.78 -12.36 0.07
C LYS A 214 -1.84 -12.47 1.16
N PRO A 215 -2.78 -11.49 1.20
CA PRO A 215 -3.87 -11.44 2.19
C PRO A 215 -4.80 -12.63 2.07
N ARG A 216 -4.84 -13.45 3.12
CA ARG A 216 -5.67 -14.66 3.12
C ARG A 216 -7.09 -14.39 3.66
N TYR A 217 -7.40 -13.12 3.91
CA TYR A 217 -8.71 -12.67 4.41
C TYR A 217 -9.45 -13.61 5.37
N GLY A 218 -8.99 -13.65 6.62
CA GLY A 218 -9.61 -14.51 7.62
C GLY A 218 -9.60 -13.93 9.02
N ARG A 219 -9.69 -14.81 10.02
CA ARG A 219 -9.72 -14.39 11.42
C ARG A 219 -8.44 -14.75 12.18
N PHE A 220 -7.79 -15.82 11.77
CA PHE A 220 -6.57 -16.26 12.42
C PHE A 220 -5.41 -16.50 11.44
N ASP A 221 -5.21 -15.54 10.54
CA ASP A 221 -4.14 -15.62 9.55
C ASP A 221 -2.78 -15.17 10.12
N VAL A 222 -1.93 -16.15 10.46
CA VAL A 222 -0.61 -15.87 11.00
C VAL A 222 0.17 -14.96 10.06
N LEU A 223 0.44 -13.73 10.51
CA LEU A 223 1.17 -12.74 9.73
C LEU A 223 2.61 -13.16 9.41
N PRO A 224 3.23 -12.51 8.41
CA PRO A 224 4.60 -12.80 8.01
C PRO A 224 5.67 -11.97 8.72
N LEU A 225 6.82 -12.59 8.94
CA LEU A 225 7.97 -11.93 9.55
C LEU A 225 8.45 -10.84 8.58
N VAL A 226 8.59 -9.62 9.08
CA VAL A 226 9.08 -8.49 8.30
C VAL A 226 10.43 -8.13 8.92
N LEU A 227 11.49 -8.71 8.37
CA LEU A 227 12.84 -8.52 8.87
C LEU A 227 13.73 -7.51 8.15
N GLN A 228 14.37 -6.64 8.93
CA GLN A 228 15.29 -5.67 8.38
C GLN A 228 16.67 -6.03 8.94
N ALA A 229 17.61 -6.26 8.04
CA ALA A 229 18.97 -6.63 8.43
C ALA A 229 19.99 -5.62 7.95
N ASP A 230 20.97 -5.36 8.81
CA ASP A 230 22.05 -4.44 8.51
C ASP A 230 21.53 -3.11 7.95
N GLY A 231 20.38 -2.68 8.48
CA GLY A 231 19.78 -1.44 8.05
C GLY A 231 19.12 -1.37 6.68
N GLN A 232 19.03 -2.51 5.98
CA GLN A 232 18.40 -2.52 4.66
C GLN A 232 16.88 -2.53 4.75
N ASP A 233 16.23 -2.41 3.60
CA ASP A 233 14.78 -2.42 3.55
C ASP A 233 14.32 -3.79 4.05
N PRO A 234 13.20 -3.83 4.79
CA PRO A 234 12.67 -5.09 5.32
C PRO A 234 12.23 -6.07 4.26
N GLU A 235 12.51 -7.35 4.49
CA GLU A 235 12.13 -8.40 3.57
C GLU A 235 11.02 -9.23 4.20
N VAL A 236 10.02 -9.55 3.40
CA VAL A 236 8.88 -10.34 3.86
C VAL A 236 9.21 -11.83 3.82
N PHE A 237 8.85 -12.53 4.89
CA PHE A 237 9.07 -13.97 5.01
C PHE A 237 7.84 -14.56 5.67
N GLU A 238 7.24 -15.55 5.02
CA GLU A 238 6.06 -16.19 5.56
C GLU A 238 6.52 -17.24 6.55
N ILE A 239 5.84 -17.35 7.68
CA ILE A 239 6.21 -18.34 8.69
C ILE A 239 5.66 -19.71 8.32
N PRO A 240 6.52 -20.74 8.37
CA PRO A 240 6.13 -22.12 8.04
C PRO A 240 5.08 -22.63 9.03
N PRO A 241 3.84 -22.82 8.54
CA PRO A 241 2.71 -23.30 9.35
C PRO A 241 3.03 -24.43 10.32
N ASP A 242 3.96 -25.30 9.94
CA ASP A 242 4.34 -26.42 10.79
C ASP A 242 4.94 -25.93 12.12
N LEU A 243 5.51 -24.74 12.10
CA LEU A 243 6.12 -24.15 13.30
C LEU A 243 5.12 -23.47 14.24
N VAL A 244 4.08 -22.88 13.67
CA VAL A 244 3.05 -22.16 14.42
C VAL A 244 2.03 -23.06 15.10
N LEU A 245 2.26 -23.32 16.39
CA LEU A 245 1.38 -24.16 17.20
C LEU A 245 0.22 -23.35 17.75
N GLU A 246 -1.00 -23.81 17.49
CA GLU A 246 -2.20 -23.15 17.97
C GLU A 246 -3.02 -24.05 18.90
N VAL A 247 -3.92 -23.43 19.66
CA VAL A 247 -4.78 -24.15 20.60
C VAL A 247 -6.21 -23.75 20.32
N THR A 248 -7.02 -24.69 19.85
CA THR A 248 -8.42 -24.42 19.57
C THR A 248 -9.17 -24.41 20.91
N MET A 249 -9.99 -23.38 21.10
CA MET A 249 -10.73 -23.22 22.34
C MET A 249 -11.97 -24.11 22.51
N GLU A 250 -12.07 -24.72 23.69
CA GLU A 250 -13.22 -25.57 24.02
C GLU A 250 -13.49 -25.57 25.53
N HIS A 251 -14.73 -25.26 25.88
CA HIS A 251 -15.17 -25.22 27.27
C HIS A 251 -15.43 -26.62 27.78
N PRO A 252 -15.02 -26.93 29.02
CA PRO A 252 -15.24 -28.26 29.60
C PRO A 252 -16.70 -28.57 29.91
N LYS A 253 -17.59 -27.63 29.59
CA LYS A 253 -19.02 -27.79 29.82
C LYS A 253 -19.85 -27.31 28.65
N TYR A 254 -19.64 -26.06 28.27
CA TYR A 254 -20.37 -25.44 27.16
C TYR A 254 -19.85 -25.92 25.81
N GLU A 255 -20.34 -27.09 25.37
CA GLU A 255 -19.94 -27.69 24.11
C GLU A 255 -20.18 -26.80 22.88
N TRP A 256 -20.99 -25.76 23.05
CA TRP A 256 -21.31 -24.83 21.97
C TRP A 256 -20.19 -23.82 21.79
N PHE A 257 -19.24 -23.81 22.72
CA PHE A 257 -18.12 -22.89 22.70
C PHE A 257 -17.19 -23.04 21.51
N GLN A 258 -16.91 -24.29 21.12
CA GLN A 258 -16.04 -24.52 19.98
C GLN A 258 -16.69 -24.17 18.64
N GLU A 259 -18.00 -23.95 18.67
CA GLU A 259 -18.74 -23.58 17.47
C GLU A 259 -18.43 -22.13 17.12
N LEU A 260 -17.68 -21.48 18.00
CA LEU A 260 -17.27 -20.09 17.79
C LEU A 260 -16.08 -20.06 16.83
N GLY A 261 -15.41 -21.21 16.71
CA GLY A 261 -14.26 -21.34 15.84
C GLY A 261 -13.14 -20.47 16.34
N LEU A 262 -12.82 -20.64 17.62
CA LEU A 262 -11.80 -19.84 18.27
C LEU A 262 -10.53 -20.61 18.61
N LYS A 263 -9.41 -19.93 18.41
CA LYS A 263 -8.11 -20.49 18.71
C LYS A 263 -7.11 -19.36 18.96
N TRP A 264 -5.92 -19.74 19.38
CA TRP A 264 -4.88 -18.76 19.63
C TRP A 264 -3.55 -19.50 19.64
N TYR A 265 -2.49 -18.81 19.20
CA TYR A 265 -1.17 -19.42 19.19
C TYR A 265 -0.67 -19.64 20.61
N ALA A 266 0.13 -20.67 20.77
CA ALA A 266 0.67 -21.03 22.06
C ALA A 266 1.98 -20.33 22.45
N LEU A 267 2.47 -19.47 21.55
CA LEU A 267 3.75 -18.82 21.79
C LEU A 267 3.77 -17.32 21.95
N PRO A 268 3.90 -16.84 23.21
CA PRO A 268 3.95 -15.40 23.49
C PRO A 268 5.40 -15.01 23.27
N ALA A 269 5.69 -14.35 22.16
CA ALA A 269 7.06 -13.96 21.84
C ALA A 269 7.20 -12.51 21.43
N VAL A 270 7.61 -11.66 22.36
CA VAL A 270 7.80 -10.25 22.11
C VAL A 270 8.95 -10.11 21.12
N ALA A 271 8.67 -9.41 20.03
CA ALA A 271 9.65 -9.29 18.96
C ALA A 271 10.26 -7.93 18.70
N ASN A 272 9.63 -6.87 19.16
CA ASN A 272 10.14 -5.52 18.88
C ASN A 272 10.85 -4.76 19.98
N MET A 273 11.31 -5.43 21.03
CA MET A 273 11.99 -4.71 22.10
C MET A 273 13.52 -4.67 21.97
N LEU A 274 14.15 -3.82 22.76
CA LEU A 274 15.59 -3.65 22.73
C LEU A 274 16.27 -4.01 24.04
N LEU A 275 17.37 -4.75 23.96
CA LEU A 275 18.13 -5.11 25.16
C LEU A 275 19.29 -4.15 25.35
N GLU A 276 19.33 -3.53 26.53
CA GLU A 276 20.38 -2.60 26.88
C GLU A 276 21.19 -3.25 27.97
N VAL A 277 22.50 -3.26 27.79
CA VAL A 277 23.40 -3.85 28.77
C VAL A 277 24.80 -3.30 28.63
N GLY A 278 25.33 -2.81 29.76
CA GLY A 278 26.68 -2.27 29.81
C GLY A 278 27.02 -1.25 28.75
N GLY A 279 26.05 -0.40 28.43
CA GLY A 279 26.28 0.61 27.42
C GLY A 279 25.98 0.16 26.00
N LEU A 280 25.75 -1.14 25.81
CA LEU A 280 25.43 -1.66 24.48
C LEU A 280 23.91 -1.78 24.29
N GLU A 281 23.49 -1.87 23.04
CA GLU A 281 22.07 -2.01 22.73
C GLU A 281 21.85 -2.98 21.57
N PHE A 282 20.93 -3.91 21.80
CA PHE A 282 20.56 -4.92 20.81
C PHE A 282 19.11 -4.64 20.43
N PRO A 283 18.90 -3.92 19.32
CA PRO A 283 17.56 -3.58 18.85
C PRO A 283 16.73 -4.72 18.27
N ALA A 284 17.30 -5.91 18.29
CA ALA A 284 16.61 -7.11 17.80
C ALA A 284 16.95 -8.25 18.74
N CYS A 285 15.99 -8.65 19.55
CA CYS A 285 16.22 -9.72 20.52
C CYS A 285 14.88 -10.29 20.95
N PRO A 286 14.18 -10.97 20.03
CA PRO A 286 12.88 -11.55 20.37
C PRO A 286 13.02 -12.53 21.52
N PHE A 287 11.99 -12.57 22.36
CA PHE A 287 12.01 -13.47 23.51
C PHE A 287 10.64 -13.98 23.85
N ASN A 288 10.62 -15.03 24.66
CA ASN A 288 9.36 -15.62 25.09
C ASN A 288 9.52 -16.42 26.37
N GLY A 289 8.41 -16.53 27.09
CA GLY A 289 8.31 -17.34 28.30
C GLY A 289 7.06 -18.12 27.93
N TRP A 290 6.09 -18.24 28.84
CA TRP A 290 4.83 -18.90 28.49
C TRP A 290 3.65 -17.97 28.80
N TYR A 291 2.46 -18.36 28.38
CA TYR A 291 1.26 -17.55 28.56
C TYR A 291 0.58 -17.57 29.94
N MET A 292 -0.14 -16.50 30.24
CA MET A 292 -0.92 -16.36 31.46
C MET A 292 -2.31 -16.26 30.85
N GLY A 293 -3.18 -17.21 31.21
CA GLY A 293 -4.52 -17.29 30.67
C GLY A 293 -5.25 -16.02 30.35
N THR A 294 -5.15 -15.06 31.27
CA THR A 294 -5.79 -13.76 31.12
C THR A 294 -5.39 -12.95 29.87
N GLU A 295 -4.14 -13.10 29.43
CA GLU A 295 -3.67 -12.38 28.24
C GLU A 295 -4.55 -12.73 27.03
N ILE A 296 -4.85 -14.02 26.91
CA ILE A 296 -5.67 -14.52 25.80
C ILE A 296 -7.16 -14.36 26.11
N GLY A 297 -7.61 -15.06 27.16
CA GLY A 297 -9.00 -15.03 27.55
C GLY A 297 -9.61 -13.66 27.73
N VAL A 298 -8.90 -12.82 28.48
CA VAL A 298 -9.39 -11.47 28.79
C VAL A 298 -8.99 -10.36 27.83
N ARG A 299 -7.70 -10.22 27.56
CA ARG A 299 -7.26 -9.14 26.68
C ARG A 299 -7.48 -9.42 25.18
N ASP A 300 -6.81 -10.45 24.67
CA ASP A 300 -6.92 -10.78 23.25
C ASP A 300 -8.36 -11.03 22.77
N PHE A 301 -9.09 -11.88 23.49
CA PHE A 301 -10.47 -12.16 23.10
C PHE A 301 -11.51 -11.09 23.45
N CYS A 302 -11.43 -10.52 24.66
CA CYS A 302 -12.42 -9.53 25.10
C CYS A 302 -12.25 -8.01 24.95
N ASP A 303 -11.05 -7.54 24.58
CA ASP A 303 -10.86 -6.10 24.40
C ASP A 303 -11.70 -5.58 23.24
N THR A 304 -12.22 -4.37 23.40
CA THR A 304 -13.04 -3.74 22.36
C THR A 304 -12.20 -3.51 21.09
N GLN A 305 -10.91 -3.24 21.28
CA GLN A 305 -9.98 -3.00 20.18
C GLN A 305 -9.32 -4.27 19.65
N ARG A 306 -9.67 -5.42 20.24
CA ARG A 306 -9.14 -6.69 19.80
C ARG A 306 -10.25 -7.52 19.15
N TYR A 307 -10.37 -8.79 19.53
CA TYR A 307 -11.39 -9.64 18.95
C TYR A 307 -12.82 -9.22 19.31
N ASN A 308 -13.04 -8.83 20.57
CA ASN A 308 -14.36 -8.34 21.03
C ASN A 308 -15.45 -9.42 21.00
N ILE A 309 -15.17 -10.57 21.60
CA ILE A 309 -16.13 -11.68 21.62
C ILE A 309 -17.13 -11.69 22.78
N LEU A 310 -17.02 -10.75 23.72
CA LEU A 310 -17.93 -10.71 24.89
C LEU A 310 -19.43 -10.69 24.58
N GLU A 311 -19.86 -9.78 23.73
CA GLU A 311 -21.27 -9.67 23.34
C GLU A 311 -21.95 -11.01 23.05
N GLU A 312 -21.35 -11.82 22.16
CA GLU A 312 -21.97 -13.10 21.83
C GLU A 312 -21.68 -14.24 22.78
N VAL A 313 -20.59 -14.18 23.54
CA VAL A 313 -20.29 -15.23 24.51
C VAL A 313 -21.29 -15.11 25.66
N GLY A 314 -21.79 -13.90 25.85
CA GLY A 314 -22.78 -13.66 26.89
C GLY A 314 -24.11 -14.17 26.40
N ARG A 315 -24.43 -13.87 25.13
CA ARG A 315 -25.67 -14.30 24.50
C ARG A 315 -25.81 -15.80 24.55
N ARG A 316 -24.78 -16.49 24.08
CA ARG A 316 -24.77 -17.95 24.05
C ARG A 316 -24.85 -18.58 25.44
N MET A 317 -24.64 -17.77 26.48
CA MET A 317 -24.72 -18.23 27.86
C MET A 317 -26.13 -17.97 28.39
N GLY A 318 -26.88 -17.16 27.64
CA GLY A 318 -28.25 -16.81 28.01
C GLY A 318 -28.38 -15.64 28.96
N LEU A 319 -27.26 -14.97 29.23
CA LEU A 319 -27.21 -13.84 30.14
C LEU A 319 -27.93 -12.58 29.65
N GLU A 320 -28.25 -11.70 30.60
CA GLU A 320 -28.94 -10.44 30.32
C GLU A 320 -27.95 -9.46 29.68
N THR A 321 -27.74 -9.65 28.39
CA THR A 321 -26.81 -8.85 27.59
C THR A 321 -27.08 -7.34 27.50
N HIS A 322 -28.33 -6.93 27.71
CA HIS A 322 -28.67 -5.52 27.63
C HIS A 322 -28.86 -4.85 28.98
N THR A 323 -28.33 -5.49 30.02
CA THR A 323 -28.41 -5.00 31.40
C THR A 323 -27.04 -5.15 32.08
N LEU A 324 -26.25 -4.07 32.06
CA LEU A 324 -24.92 -4.06 32.67
C LEU A 324 -24.91 -4.57 34.10
N ALA A 325 -25.84 -4.05 34.89
CA ALA A 325 -25.96 -4.41 36.30
C ALA A 325 -26.07 -5.90 36.58
N SER A 326 -26.46 -6.69 35.60
CA SER A 326 -26.60 -8.14 35.80
C SER A 326 -25.25 -8.81 35.98
N LEU A 327 -24.19 -8.08 35.69
CA LEU A 327 -22.81 -8.59 35.79
C LEU A 327 -22.55 -9.76 34.84
N TRP A 328 -23.17 -9.71 33.66
CA TRP A 328 -22.99 -10.78 32.68
C TRP A 328 -21.55 -10.88 32.22
N LYS A 329 -20.96 -9.72 31.90
CA LYS A 329 -19.58 -9.65 31.46
C LYS A 329 -18.68 -10.40 32.44
N ASP A 330 -18.98 -10.30 33.73
CA ASP A 330 -18.22 -10.98 34.75
C ASP A 330 -18.35 -12.48 34.64
N ARG A 331 -19.56 -12.95 34.35
CA ARG A 331 -19.79 -14.38 34.22
C ARG A 331 -19.19 -14.98 32.96
N ALA A 332 -19.27 -14.23 31.85
CA ALA A 332 -18.74 -14.65 30.56
C ALA A 332 -17.21 -14.79 30.59
N VAL A 333 -16.54 -13.66 30.84
CA VAL A 333 -15.08 -13.62 30.88
C VAL A 333 -14.49 -14.72 31.73
N THR A 334 -15.17 -15.08 32.81
CA THR A 334 -14.69 -16.14 33.68
C THR A 334 -14.71 -17.48 32.95
N GLU A 335 -15.78 -17.72 32.19
CA GLU A 335 -15.91 -18.96 31.44
C GLU A 335 -14.90 -19.02 30.29
N ILE A 336 -14.67 -17.88 29.64
CA ILE A 336 -13.71 -17.80 28.56
C ILE A 336 -12.31 -18.12 29.15
N ASN A 337 -12.04 -17.66 30.37
CA ASN A 337 -10.77 -17.93 31.01
C ASN A 337 -10.58 -19.39 31.35
N VAL A 338 -11.61 -20.05 31.86
CA VAL A 338 -11.49 -21.47 32.19
C VAL A 338 -11.41 -22.29 30.91
N ALA A 339 -11.99 -21.77 29.82
CA ALA A 339 -11.95 -22.41 28.52
C ALA A 339 -10.48 -22.39 28.10
N VAL A 340 -9.91 -21.19 28.05
CA VAL A 340 -8.53 -21.02 27.63
C VAL A 340 -7.61 -21.98 28.42
N LEU A 341 -7.78 -21.94 29.76
CA LEU A 341 -7.00 -22.78 30.67
C LEU A 341 -7.26 -24.20 30.28
N HIS A 342 -8.53 -24.62 30.34
CA HIS A 342 -8.92 -26.00 29.99
C HIS A 342 -8.30 -26.47 28.67
N SER A 343 -8.50 -25.66 27.64
CA SER A 343 -7.97 -26.01 26.35
C SER A 343 -6.46 -26.31 26.38
N PHE A 344 -5.66 -25.38 26.88
CA PHE A 344 -4.23 -25.55 26.95
C PHE A 344 -3.83 -26.79 27.71
N GLN A 345 -4.55 -27.00 28.80
CA GLN A 345 -4.31 -28.10 29.72
C GLN A 345 -4.65 -29.44 29.02
N LYS A 346 -5.69 -29.43 28.19
CA LYS A 346 -6.12 -30.63 27.45
C LYS A 346 -5.10 -30.96 26.36
N GLN A 347 -4.74 -29.95 25.56
CA GLN A 347 -3.77 -30.09 24.48
C GLN A 347 -2.32 -30.08 24.95
N ASN A 348 -2.11 -30.21 26.25
CA ASN A 348 -0.77 -30.22 26.86
C ASN A 348 0.15 -29.04 26.54
N VAL A 349 -0.44 -27.87 26.32
CA VAL A 349 0.31 -26.65 26.06
C VAL A 349 0.45 -25.86 27.35
N THR A 350 1.69 -25.66 27.80
CA THR A 350 1.98 -24.93 29.02
C THR A 350 1.22 -23.60 29.12
N ILE A 351 0.69 -23.36 30.30
CA ILE A 351 -0.04 -22.14 30.58
C ILE A 351 -0.10 -21.94 32.09
N MET A 352 -0.47 -20.75 32.52
CA MET A 352 -0.54 -20.45 33.93
C MET A 352 -1.71 -19.54 34.20
N ASP A 353 -2.46 -19.84 35.25
CA ASP A 353 -3.61 -19.01 35.62
C ASP A 353 -3.07 -17.82 36.42
N HIS A 354 -3.80 -16.71 36.39
CA HIS A 354 -3.37 -15.50 37.09
C HIS A 354 -3.20 -15.62 38.60
N HIS A 355 -3.96 -16.49 39.24
CA HIS A 355 -3.84 -16.67 40.69
C HIS A 355 -2.51 -17.32 41.05
N THR A 356 -2.17 -18.41 40.35
CA THR A 356 -0.92 -19.12 40.61
C THR A 356 0.29 -18.24 40.32
N ALA A 357 0.20 -17.45 39.25
CA ALA A 357 1.30 -16.58 38.86
C ALA A 357 1.56 -15.49 39.90
N SER A 358 0.47 -14.89 40.37
CA SER A 358 0.54 -13.84 41.38
C SER A 358 1.20 -14.36 42.64
N GLU A 359 0.85 -15.57 43.05
CA GLU A 359 1.44 -16.15 44.26
C GLU A 359 2.93 -16.39 44.09
N SER A 360 3.33 -16.88 42.92
CA SER A 360 4.75 -17.13 42.68
C SER A 360 5.52 -15.81 42.59
N PHE A 361 4.90 -14.79 42.00
CA PHE A 361 5.58 -13.50 41.92
C PHE A 361 5.79 -12.94 43.33
N MET A 362 4.79 -13.09 44.19
CA MET A 362 4.89 -12.63 45.57
C MET A 362 6.08 -13.29 46.24
N LYS A 363 6.27 -14.57 45.98
CA LYS A 363 7.39 -15.33 46.54
C LYS A 363 8.68 -14.78 45.93
N HIS A 364 8.59 -14.40 44.66
CA HIS A 364 9.74 -13.85 43.95
C HIS A 364 10.17 -12.53 44.58
N MET A 365 9.18 -11.69 44.90
CA MET A 365 9.45 -10.40 45.53
C MET A 365 10.20 -10.61 46.83
N GLN A 366 9.66 -11.50 47.66
CA GLN A 366 10.25 -11.83 48.95
C GLN A 366 11.70 -12.30 48.79
N ASN A 367 11.92 -13.21 47.84
CA ASN A 367 13.27 -13.72 47.58
C ASN A 367 14.18 -12.58 47.13
N GLU A 368 13.61 -11.69 46.33
CA GLU A 368 14.35 -10.56 45.77
C GLU A 368 14.75 -9.48 46.79
N TYR A 369 13.84 -9.12 47.69
CA TYR A 369 14.15 -8.12 48.71
C TYR A 369 15.23 -8.66 49.62
N ARG A 370 15.09 -9.92 50.00
CA ARG A 370 16.08 -10.55 50.85
C ARG A 370 17.41 -10.66 50.11
N ALA A 371 17.35 -10.94 48.81
CA ALA A 371 18.56 -11.10 47.99
C ALA A 371 19.31 -9.81 47.62
N ARG A 372 18.62 -8.86 46.99
CA ARG A 372 19.27 -7.63 46.61
C ARG A 372 18.62 -6.35 47.12
N GLY A 373 17.69 -6.51 48.07
CA GLY A 373 17.03 -5.36 48.67
C GLY A 373 16.01 -4.61 47.85
N GLY A 374 15.33 -5.30 46.93
CA GLY A 374 14.33 -4.65 46.12
C GLY A 374 13.93 -5.45 44.91
N CYS A 375 12.90 -4.96 44.21
CA CYS A 375 12.39 -5.60 43.00
C CYS A 375 11.56 -4.56 42.23
N PRO A 376 12.07 -4.07 41.10
CA PRO A 376 11.30 -3.07 40.33
C PRO A 376 9.98 -3.70 39.91
N ALA A 377 8.88 -3.02 40.22
CA ALA A 377 7.59 -3.57 39.91
C ALA A 377 6.57 -2.54 39.47
N ASP A 378 5.87 -2.82 38.37
CA ASP A 378 4.84 -1.94 37.86
C ASP A 378 3.49 -2.56 38.22
N TRP A 379 2.93 -2.08 39.33
CA TRP A 379 1.66 -2.55 39.85
C TRP A 379 0.58 -2.62 38.77
N ILE A 380 0.47 -1.54 37.98
CA ILE A 380 -0.54 -1.44 36.93
C ILE A 380 -0.46 -2.55 35.88
N TRP A 381 0.72 -3.12 35.71
CA TRP A 381 0.87 -4.21 34.74
C TRP A 381 0.85 -5.57 35.42
N LEU A 382 1.36 -5.63 36.65
CA LEU A 382 1.45 -6.88 37.39
C LEU A 382 0.14 -7.42 37.91
N VAL A 383 -0.81 -6.53 38.13
CA VAL A 383 -2.10 -6.95 38.60
C VAL A 383 -2.95 -7.36 37.42
N PRO A 384 -3.40 -8.63 37.40
CA PRO A 384 -4.23 -9.19 36.33
C PRO A 384 -5.43 -8.34 35.95
N PRO A 385 -5.84 -8.42 34.67
CA PRO A 385 -6.97 -7.67 34.10
C PRO A 385 -8.33 -8.08 34.67
N VAL A 386 -8.36 -9.11 35.51
CA VAL A 386 -9.58 -9.54 36.21
C VAL A 386 -9.16 -10.04 37.59
N SER A 387 -10.09 -10.09 38.54
CA SER A 387 -9.79 -10.60 39.88
C SER A 387 -8.74 -9.81 40.67
N GLY A 388 -8.68 -8.51 40.41
CA GLY A 388 -7.71 -7.66 41.09
C GLY A 388 -7.38 -7.98 42.54
N SER A 389 -8.26 -7.59 43.46
CA SER A 389 -8.02 -7.84 44.89
C SER A 389 -8.05 -9.29 45.33
N ILE A 390 -8.58 -10.17 44.49
CA ILE A 390 -8.60 -11.60 44.83
C ILE A 390 -7.17 -12.10 44.73
N THR A 391 -6.33 -11.29 44.11
CA THR A 391 -4.93 -11.58 43.90
C THR A 391 -4.03 -10.97 44.98
N PRO A 392 -2.98 -11.67 45.39
CA PRO A 392 -2.06 -11.18 46.42
C PRO A 392 -1.25 -9.92 45.99
N VAL A 393 -0.96 -9.79 44.69
CA VAL A 393 -0.18 -8.65 44.22
C VAL A 393 -0.88 -7.31 44.36
N PHE A 394 -2.20 -7.34 44.36
CA PHE A 394 -3.01 -6.13 44.50
C PHE A 394 -2.76 -5.43 45.84
N HIS A 395 -2.57 -6.22 46.89
CA HIS A 395 -2.34 -5.72 48.24
C HIS A 395 -0.88 -5.45 48.58
N GLN A 396 -0.01 -5.56 47.58
CA GLN A 396 1.41 -5.32 47.78
C GLN A 396 1.89 -4.00 47.21
N GLU A 397 2.33 -3.09 48.07
CA GLU A 397 2.84 -1.80 47.61
C GLU A 397 4.15 -2.11 46.93
N MET A 398 4.44 -1.39 45.86
CA MET A 398 5.68 -1.62 45.11
C MET A 398 6.28 -0.37 44.50
N LEU A 399 7.58 -0.44 44.23
CA LEU A 399 8.31 0.66 43.62
C LEU A 399 8.66 0.29 42.19
N ASN A 400 8.48 1.24 41.27
CA ASN A 400 8.78 1.01 39.87
C ASN A 400 9.95 1.89 39.43
N TYR A 401 11.02 1.24 38.97
CA TYR A 401 12.20 1.96 38.52
C TYR A 401 12.96 1.18 37.44
N VAL A 402 13.73 1.90 36.62
CA VAL A 402 14.51 1.31 35.53
C VAL A 402 15.95 1.05 35.95
N LEU A 403 16.36 -0.22 35.92
CA LEU A 403 17.72 -0.57 36.26
C LEU A 403 18.45 -0.91 34.98
N SER A 404 19.59 -1.57 35.10
CA SER A 404 20.38 -1.98 33.94
C SER A 404 21.11 -3.27 34.30
N PRO A 405 21.08 -4.27 33.40
CA PRO A 405 20.43 -4.32 32.08
C PRO A 405 18.89 -4.22 32.09
N PHE A 406 18.33 -3.82 30.95
CA PHE A 406 16.88 -3.61 30.81
C PHE A 406 16.34 -3.88 29.40
N TYR A 407 15.03 -4.11 29.32
CA TYR A 407 14.33 -4.34 28.05
C TYR A 407 13.49 -3.10 27.72
N TYR A 408 13.90 -2.36 26.69
CA TYR A 408 13.21 -1.13 26.30
C TYR A 408 12.31 -1.29 25.10
N TYR A 409 11.37 -0.35 24.94
CA TYR A 409 10.48 -0.31 23.78
C TYR A 409 11.28 0.43 22.70
N GLN A 410 10.76 0.47 21.48
CA GLN A 410 11.43 1.17 20.38
C GLN A 410 10.41 1.88 19.51
N ILE A 411 10.85 2.91 18.78
CA ILE A 411 9.93 3.62 17.90
C ILE A 411 9.65 2.69 16.73
N GLU A 412 8.39 2.58 16.34
CA GLU A 412 8.01 1.71 15.23
C GLU A 412 8.88 2.05 14.02
N PRO A 413 9.63 1.05 13.52
CA PRO A 413 10.54 1.16 12.37
C PRO A 413 10.04 1.85 11.10
N TRP A 414 8.80 1.57 10.69
CA TRP A 414 8.27 2.22 9.48
C TRP A 414 8.16 3.73 9.62
N LYS A 415 8.23 4.24 10.84
CA LYS A 415 8.15 5.68 11.06
C LYS A 415 9.50 6.37 10.89
N THR A 416 10.59 5.62 11.05
CA THR A 416 11.95 6.18 10.94
C THR A 416 12.83 5.60 9.83
N HIS A 417 12.35 4.55 9.17
CA HIS A 417 13.11 3.87 8.12
C HIS A 417 13.51 4.67 6.88
N ILE A 418 14.66 4.28 6.32
CA ILE A 418 15.23 4.87 5.11
C ILE A 418 14.89 3.94 3.96
N TRP A 419 14.10 4.42 3.01
CA TRP A 419 13.73 3.57 1.87
C TRP A 419 14.63 3.75 0.64
N GLN A 420 15.53 2.79 0.45
CA GLN A 420 16.46 2.81 -0.68
C GLN A 420 15.93 2.02 -1.87
N GLN B 1 8.25 11.57 -54.18
CA GLN B 1 7.02 11.65 -54.96
C GLN B 1 5.78 11.46 -54.06
N TYR B 2 5.25 10.23 -54.03
CA TYR B 2 4.08 9.91 -53.22
C TYR B 2 3.91 8.41 -53.12
N VAL B 3 3.00 7.97 -52.25
CA VAL B 3 2.73 6.56 -52.10
C VAL B 3 1.33 6.33 -52.60
N ARG B 4 1.18 5.31 -53.44
CA ARG B 4 -0.10 4.95 -54.02
C ARG B 4 -0.85 4.05 -53.04
N ILE B 5 -2.10 4.42 -52.77
CA ILE B 5 -2.95 3.67 -51.86
C ILE B 5 -4.23 3.27 -52.58
N LYS B 6 -4.70 2.05 -52.36
CA LYS B 6 -5.92 1.58 -53.01
C LYS B 6 -6.99 1.05 -52.06
N ASN B 7 -8.25 1.29 -52.42
CA ASN B 7 -9.38 0.79 -51.67
C ASN B 7 -9.86 -0.40 -52.51
N TRP B 8 -9.87 -1.59 -51.93
CA TRP B 8 -10.25 -2.78 -52.66
C TRP B 8 -11.74 -3.01 -52.84
N GLY B 9 -12.56 -2.20 -52.18
CA GLY B 9 -14.00 -2.34 -52.33
C GLY B 9 -14.50 -1.38 -53.38
N SER B 10 -13.81 -0.25 -53.49
CA SER B 10 -14.15 0.80 -54.43
C SER B 10 -13.29 0.78 -55.68
N GLY B 11 -12.04 0.38 -55.54
CA GLY B 11 -11.12 0.36 -56.68
C GLY B 11 -10.48 1.74 -56.79
N GLU B 12 -10.93 2.66 -55.94
CA GLU B 12 -10.43 4.03 -55.91
C GLU B 12 -8.96 4.10 -55.47
N ILE B 13 -8.22 5.00 -56.10
CA ILE B 13 -6.81 5.18 -55.81
C ILE B 13 -6.52 6.58 -55.30
N LEU B 14 -5.69 6.66 -54.27
CA LEU B 14 -5.29 7.91 -53.67
C LEU B 14 -3.77 7.95 -53.62
N HIS B 15 -3.22 9.15 -53.65
CA HIS B 15 -1.77 9.32 -53.60
C HIS B 15 -1.42 10.08 -52.33
N ASP B 16 -0.63 9.45 -51.46
CA ASP B 16 -0.25 10.09 -50.21
C ASP B 16 1.01 10.94 -50.34
N THR B 17 0.87 12.23 -50.04
CA THR B 17 1.99 13.15 -50.09
C THR B 17 2.37 13.55 -48.68
N LEU B 18 1.35 13.70 -47.84
CA LEU B 18 1.49 14.12 -46.44
C LEU B 18 2.55 13.43 -45.61
N HIS B 19 2.75 12.13 -45.84
CA HIS B 19 3.73 11.36 -45.09
C HIS B 19 5.14 11.96 -45.11
N HIS B 20 5.42 12.79 -46.11
CA HIS B 20 6.73 13.43 -46.21
C HIS B 20 7.01 14.35 -45.04
N LYS B 21 5.94 14.91 -44.47
CA LYS B 21 6.05 15.83 -43.34
C LYS B 21 6.19 15.06 -42.04
N ALA B 22 6.34 13.73 -42.14
CA ALA B 22 6.48 12.85 -40.99
C ALA B 22 7.66 13.18 -40.09
N THR B 23 7.45 12.94 -38.80
CA THR B 23 8.43 13.20 -37.76
C THR B 23 9.56 12.16 -37.70
N SER B 24 10.53 12.44 -36.82
CA SER B 24 11.72 11.61 -36.59
C SER B 24 11.65 10.16 -37.08
N ASP B 25 11.23 9.25 -36.21
CA ASP B 25 11.12 7.84 -36.57
C ASP B 25 9.81 7.24 -36.11
N PHE B 26 9.46 6.12 -36.72
CA PHE B 26 8.24 5.43 -36.35
C PHE B 26 8.56 4.08 -35.72
N THR B 27 7.52 3.35 -35.34
CA THR B 27 7.64 2.05 -34.68
C THR B 27 8.47 0.98 -35.40
N CYS B 28 8.27 0.88 -36.72
CA CYS B 28 8.92 -0.13 -37.54
C CYS B 28 10.39 0.03 -37.91
N LYS B 29 11.04 -1.11 -38.09
CA LYS B 29 12.45 -1.18 -38.49
C LYS B 29 12.49 -1.28 -40.02
N SER B 30 13.67 -1.48 -40.60
CA SER B 30 13.80 -1.60 -42.06
C SER B 30 13.51 -3.01 -42.60
N LYS B 31 13.62 -4.02 -41.74
CA LYS B 31 13.38 -5.40 -42.13
C LYS B 31 12.20 -6.04 -41.38
N SER B 32 11.59 -5.28 -40.47
CA SER B 32 10.47 -5.80 -39.68
C SER B 32 9.35 -4.78 -39.46
N CYS B 33 8.14 -5.27 -39.26
CA CYS B 33 6.99 -4.41 -38.99
C CYS B 33 6.51 -4.65 -37.58
N LEU B 34 6.49 -3.57 -36.79
CA LEU B 34 6.07 -3.59 -35.40
C LEU B 34 4.75 -2.83 -35.27
N GLY B 35 4.00 -2.76 -36.37
CA GLY B 35 2.73 -2.03 -36.35
C GLY B 35 1.75 -2.55 -35.33
N SER B 36 1.94 -3.79 -34.91
CA SER B 36 1.08 -4.45 -33.94
C SER B 36 1.35 -4.07 -32.46
N ILE B 37 2.51 -3.48 -32.18
CA ILE B 37 2.86 -3.10 -30.81
C ILE B 37 1.96 -1.99 -30.30
N MET B 38 1.35 -2.21 -29.15
CA MET B 38 0.42 -1.26 -28.56
C MET B 38 1.05 0.02 -27.97
N ASN B 39 2.14 -0.13 -27.21
CA ASN B 39 2.81 1.03 -26.60
C ASN B 39 4.27 1.17 -26.99
N PRO B 40 4.55 1.42 -28.27
CA PRO B 40 5.96 1.57 -28.69
C PRO B 40 6.51 2.91 -28.26
N LYS B 41 7.83 3.01 -28.24
CA LYS B 41 8.50 4.25 -27.86
C LYS B 41 8.17 5.41 -28.82
N SER B 42 8.01 5.07 -30.10
CA SER B 42 7.71 6.08 -31.13
C SER B 42 6.41 6.80 -30.87
N LEU B 43 5.53 6.18 -30.10
CA LEU B 43 4.25 6.79 -29.79
C LEU B 43 4.25 7.31 -28.35
N THR B 44 5.43 7.24 -27.72
CA THR B 44 5.60 7.66 -26.33
C THR B 44 6.53 8.86 -26.14
N ARG B 45 6.20 9.70 -25.16
CA ARG B 45 7.00 10.87 -24.83
C ARG B 45 7.22 10.82 -23.31
N GLY B 46 8.41 10.36 -22.90
CA GLY B 46 8.74 10.21 -21.49
C GLY B 46 9.12 11.44 -20.68
N PRO B 47 9.56 11.23 -19.43
CA PRO B 47 9.97 12.25 -18.45
C PRO B 47 11.22 13.03 -18.87
N ARG B 48 11.46 14.15 -18.19
CA ARG B 48 12.62 15.01 -18.45
C ARG B 48 13.24 15.55 -17.15
N ASP B 49 14.53 15.89 -17.22
CA ASP B 49 15.28 16.43 -16.09
C ASP B 49 15.66 17.89 -16.35
N LYS B 50 15.88 18.20 -17.61
CA LYS B 50 16.26 19.53 -18.04
C LYS B 50 15.22 20.00 -19.05
N PRO B 51 15.15 21.32 -19.31
CA PRO B 51 14.19 21.83 -20.29
C PRO B 51 14.65 21.34 -21.65
N THR B 52 13.73 21.23 -22.60
CA THR B 52 14.13 20.79 -23.93
C THR B 52 15.16 21.77 -24.50
N PRO B 53 16.31 21.25 -24.96
CA PRO B 53 17.40 22.07 -25.53
C PRO B 53 17.01 22.85 -26.78
N LEU B 54 17.57 24.06 -26.86
CA LEU B 54 17.35 25.01 -27.95
C LEU B 54 17.46 24.45 -29.36
N GLU B 55 18.55 23.75 -29.64
CA GLU B 55 18.80 23.18 -30.96
C GLU B 55 17.64 22.41 -31.57
N GLU B 56 16.89 21.70 -30.72
CA GLU B 56 15.76 20.95 -31.23
C GLU B 56 14.42 21.67 -31.06
N LEU B 57 14.32 22.49 -30.04
CA LEU B 57 13.10 23.24 -29.75
C LEU B 57 12.76 24.32 -30.78
N LEU B 58 13.72 25.21 -31.06
CA LEU B 58 13.52 26.29 -32.02
C LEU B 58 12.99 25.86 -33.40
N PRO B 59 13.61 24.83 -34.03
CA PRO B 59 13.14 24.39 -35.36
C PRO B 59 11.69 23.88 -35.35
N HIS B 60 11.28 23.24 -34.25
CA HIS B 60 9.91 22.72 -34.09
C HIS B 60 8.91 23.88 -33.95
N ALA B 61 9.31 24.90 -33.19
CA ALA B 61 8.47 26.06 -32.97
C ALA B 61 8.21 26.80 -34.28
N ILE B 62 9.27 27.02 -35.06
CA ILE B 62 9.16 27.71 -36.34
C ILE B 62 8.22 26.93 -37.27
N GLU B 63 8.39 25.61 -37.30
CA GLU B 63 7.55 24.74 -38.11
C GLU B 63 6.05 24.90 -37.76
N PHE B 64 5.76 24.92 -36.46
CA PHE B 64 4.37 25.07 -36.00
C PHE B 64 3.76 26.41 -36.42
N ILE B 65 4.50 27.49 -36.18
CA ILE B 65 4.03 28.81 -36.54
C ILE B 65 3.75 28.96 -38.03
N ASN B 66 4.57 28.35 -38.87
CA ASN B 66 4.34 28.42 -40.31
C ASN B 66 3.07 27.66 -40.70
N GLN B 67 2.85 26.51 -40.04
CA GLN B 67 1.66 25.70 -40.29
C GLN B 67 0.43 26.49 -39.85
N TYR B 68 0.57 27.15 -38.71
CA TYR B 68 -0.52 27.96 -38.15
C TYR B 68 -0.90 29.04 -39.15
N TYR B 69 0.06 29.88 -39.53
CA TYR B 69 -0.20 30.97 -40.47
C TYR B 69 -0.55 30.54 -41.89
N GLY B 70 -0.25 29.30 -42.25
CA GLY B 70 -0.57 28.82 -43.58
C GLY B 70 -1.95 28.20 -43.66
N SER B 71 -2.67 28.19 -42.55
CA SER B 71 -4.00 27.59 -42.49
C SER B 71 -5.19 28.48 -42.89
N PHE B 72 -5.16 29.78 -42.61
CA PHE B 72 -6.30 30.62 -42.99
C PHE B 72 -6.30 31.01 -44.47
N LYS B 73 -7.51 31.19 -45.00
CA LYS B 73 -7.73 31.53 -46.42
C LYS B 73 -6.78 32.59 -46.97
N GLU B 74 -6.88 33.81 -46.43
CA GLU B 74 -6.02 34.91 -46.87
C GLU B 74 -4.89 35.06 -45.86
N ALA B 75 -3.67 34.88 -46.34
CA ALA B 75 -2.47 34.96 -45.52
C ALA B 75 -2.19 36.34 -44.93
N LYS B 76 -1.93 36.34 -43.62
CA LYS B 76 -1.61 37.56 -42.89
C LYS B 76 -0.08 37.54 -42.79
N ILE B 77 0.54 37.84 -43.92
CA ILE B 77 1.99 37.84 -44.09
C ILE B 77 2.79 38.63 -43.07
N GLU B 78 2.40 39.87 -42.81
CA GLU B 78 3.13 40.69 -41.85
C GLU B 78 3.12 40.10 -40.45
N GLU B 79 1.95 39.61 -40.02
CA GLU B 79 1.79 39.01 -38.69
C GLU B 79 2.55 37.70 -38.57
N HIS B 80 2.59 36.95 -39.67
CA HIS B 80 3.29 35.67 -39.75
C HIS B 80 4.76 35.92 -39.43
N LEU B 81 5.35 36.88 -40.14
CA LEU B 81 6.75 37.23 -39.96
C LEU B 81 7.04 37.76 -38.55
N ALA B 82 6.12 38.56 -38.02
CA ALA B 82 6.26 39.15 -36.69
C ALA B 82 6.28 38.06 -35.62
N ARG B 83 5.37 37.11 -35.74
CA ARG B 83 5.27 36.00 -34.80
C ARG B 83 6.51 35.11 -34.88
N LEU B 84 6.96 34.82 -36.10
CA LEU B 84 8.16 33.99 -36.28
C LEU B 84 9.32 34.63 -35.54
N GLU B 85 9.47 35.94 -35.73
CA GLU B 85 10.54 36.70 -35.09
C GLU B 85 10.40 36.70 -33.56
N ALA B 86 9.21 37.03 -33.08
CA ALA B 86 8.94 37.10 -31.64
C ALA B 86 9.18 35.77 -30.92
N VAL B 87 8.68 34.68 -31.49
CA VAL B 87 8.86 33.37 -30.87
C VAL B 87 10.34 32.98 -30.87
N THR B 88 11.03 33.25 -31.97
CA THR B 88 12.44 32.94 -32.10
C THR B 88 13.24 33.64 -31.00
N LYS B 89 12.92 34.90 -30.76
CA LYS B 89 13.61 35.69 -29.74
C LYS B 89 13.27 35.21 -28.35
N GLU B 90 12.01 34.88 -28.12
CA GLU B 90 11.58 34.40 -26.82
C GLU B 90 12.34 33.13 -26.44
N ILE B 91 12.38 32.17 -27.37
CA ILE B 91 13.08 30.91 -27.17
C ILE B 91 14.57 31.08 -26.89
N GLU B 92 15.23 31.95 -27.65
CA GLU B 92 16.66 32.21 -27.48
C GLU B 92 16.96 32.92 -26.15
N THR B 93 16.04 33.76 -25.70
CA THR B 93 16.24 34.51 -24.45
C THR B 93 15.77 33.81 -23.17
N THR B 94 14.68 33.06 -23.25
CA THR B 94 14.14 32.38 -22.07
C THR B 94 14.27 30.86 -22.07
N GLY B 95 14.63 30.29 -23.22
CA GLY B 95 14.78 28.84 -23.31
C GLY B 95 13.54 28.08 -23.75
N THR B 96 12.38 28.72 -23.65
CA THR B 96 11.10 28.14 -24.04
C THR B 96 10.20 29.27 -24.52
N TYR B 97 8.93 28.98 -24.76
CA TYR B 97 7.98 29.98 -25.21
C TYR B 97 6.55 29.58 -24.89
N GLN B 98 5.63 30.53 -25.03
CA GLN B 98 4.21 30.30 -24.76
C GLN B 98 3.42 30.44 -26.04
N LEU B 99 2.39 29.62 -26.19
CA LEU B 99 1.53 29.72 -27.37
C LEU B 99 0.44 30.74 -27.09
N THR B 100 -0.17 31.26 -28.15
CA THR B 100 -1.27 32.19 -27.97
C THR B 100 -2.49 31.27 -27.88
N LEU B 101 -3.55 31.74 -27.24
CA LEU B 101 -4.76 30.94 -27.10
C LEU B 101 -5.22 30.44 -28.47
N ASP B 102 -5.17 31.33 -29.45
CA ASP B 102 -5.56 31.00 -30.82
C ASP B 102 -4.70 29.89 -31.45
N GLU B 103 -3.41 29.87 -31.12
CA GLU B 103 -2.50 28.87 -31.64
C GLU B 103 -2.76 27.52 -30.99
N LEU B 104 -3.03 27.54 -29.69
CA LEU B 104 -3.30 26.35 -28.90
C LEU B 104 -4.56 25.64 -29.40
N ILE B 105 -5.62 26.40 -29.66
CA ILE B 105 -6.86 25.84 -30.18
C ILE B 105 -6.50 25.06 -31.46
N PHE B 106 -5.88 25.78 -32.39
CA PHE B 106 -5.46 25.20 -33.66
C PHE B 106 -4.64 23.94 -33.42
N ALA B 107 -3.76 23.99 -32.41
CA ALA B 107 -2.91 22.86 -32.06
C ALA B 107 -3.67 21.64 -31.55
N THR B 108 -4.64 21.83 -30.67
CA THR B 108 -5.39 20.70 -30.13
C THR B 108 -6.18 20.00 -31.23
N LYS B 109 -6.71 20.81 -32.14
CA LYS B 109 -7.50 20.29 -33.26
C LYS B 109 -6.62 19.54 -34.25
N MET B 110 -5.46 20.11 -34.59
CA MET B 110 -4.55 19.44 -35.53
C MET B 110 -4.04 18.14 -34.91
N ALA B 111 -3.66 18.20 -33.63
CA ALA B 111 -3.19 16.99 -32.91
C ALA B 111 -4.24 15.89 -33.00
N TRP B 112 -5.51 16.29 -33.01
CA TRP B 112 -6.63 15.35 -33.11
C TRP B 112 -6.66 14.86 -34.56
N ARG B 113 -6.57 15.81 -35.50
CA ARG B 113 -6.55 15.51 -36.93
C ARG B 113 -5.41 14.54 -37.22
N ASN B 114 -4.30 14.71 -36.50
CA ASN B 114 -3.12 13.86 -36.64
C ASN B 114 -3.10 12.57 -35.80
N ALA B 115 -4.17 12.25 -35.06
CA ALA B 115 -4.20 11.02 -34.26
C ALA B 115 -4.60 9.85 -35.16
N PRO B 116 -3.61 9.04 -35.58
CA PRO B 116 -3.84 7.89 -36.45
C PRO B 116 -4.73 6.79 -35.89
N ARG B 117 -4.84 6.73 -34.57
CA ARG B 117 -5.65 5.70 -33.94
C ARG B 117 -7.09 6.10 -33.64
N CYS B 118 -7.48 7.30 -34.07
CA CYS B 118 -8.84 7.80 -33.84
C CYS B 118 -9.73 7.72 -35.08
N ILE B 119 -10.87 7.03 -34.95
CA ILE B 119 -11.82 6.88 -36.04
C ILE B 119 -12.81 8.02 -36.21
N GLY B 120 -12.94 8.86 -35.18
CA GLY B 120 -13.89 9.96 -35.23
C GLY B 120 -13.38 11.30 -35.74
N ARG B 121 -12.23 11.30 -36.39
CA ARG B 121 -11.60 12.54 -36.89
C ARG B 121 -12.37 13.45 -37.83
N ILE B 122 -13.53 13.02 -38.34
CA ILE B 122 -14.28 13.93 -39.20
C ILE B 122 -14.78 15.11 -38.37
N GLN B 123 -14.83 14.89 -37.06
CA GLN B 123 -15.26 15.90 -36.09
C GLN B 123 -14.12 16.79 -35.59
N TRP B 124 -12.91 16.62 -36.15
CA TRP B 124 -11.71 17.35 -35.72
C TRP B 124 -11.78 18.86 -35.52
N SER B 125 -12.61 19.57 -36.28
CA SER B 125 -12.71 21.01 -36.11
C SER B 125 -13.74 21.43 -35.04
N ASN B 126 -14.52 20.47 -34.56
CA ASN B 126 -15.52 20.73 -33.53
C ASN B 126 -14.97 20.32 -32.17
N LEU B 127 -14.17 21.19 -31.57
CA LEU B 127 -13.56 20.90 -30.29
C LEU B 127 -13.51 22.11 -29.37
N GLN B 128 -14.07 21.96 -28.18
CA GLN B 128 -14.08 22.99 -27.18
C GLN B 128 -12.75 22.89 -26.45
N VAL B 129 -12.06 24.01 -26.29
CA VAL B 129 -10.76 24.03 -25.63
C VAL B 129 -10.79 24.80 -24.31
N PHE B 130 -10.37 24.13 -23.23
CA PHE B 130 -10.32 24.74 -21.92
C PHE B 130 -8.88 25.04 -21.55
N ASP B 131 -8.57 26.33 -21.46
CA ASP B 131 -7.22 26.78 -21.15
C ASP B 131 -6.92 26.86 -19.66
N ALA B 132 -6.28 25.82 -19.13
CA ALA B 132 -5.95 25.79 -17.71
C ALA B 132 -4.43 25.88 -17.56
N ARG B 133 -3.79 26.67 -18.43
CA ARG B 133 -2.34 26.82 -18.38
C ARG B 133 -1.87 27.63 -17.18
N ASN B 134 -2.78 28.35 -16.53
CA ASN B 134 -2.45 29.18 -15.37
C ASN B 134 -2.82 28.49 -14.06
N CYS B 135 -3.12 27.19 -14.14
CA CYS B 135 -3.46 26.40 -12.97
C CYS B 135 -2.18 26.17 -12.17
N SER B 136 -2.27 26.15 -10.84
CA SER B 136 -1.09 25.94 -10.02
C SER B 136 -1.20 24.90 -8.90
N THR B 137 -2.42 24.55 -8.50
CA THR B 137 -2.58 23.55 -7.46
C THR B 137 -3.48 22.39 -7.85
N ALA B 138 -3.42 21.35 -7.03
CA ALA B 138 -4.21 20.14 -7.22
C ALA B 138 -5.71 20.45 -7.12
N GLN B 139 -6.07 21.35 -6.19
CA GLN B 139 -7.46 21.75 -5.99
C GLN B 139 -7.98 22.44 -7.23
N GLU B 140 -7.14 23.28 -7.82
CA GLU B 140 -7.49 24.00 -9.03
C GLU B 140 -7.66 23.00 -10.19
N MET B 141 -6.77 22.02 -10.24
CA MET B 141 -6.82 20.96 -11.26
C MET B 141 -8.14 20.20 -11.15
N PHE B 142 -8.46 19.79 -9.92
CA PHE B 142 -9.68 19.05 -9.61
C PHE B 142 -10.90 19.85 -10.04
N GLN B 143 -10.86 21.15 -9.81
CA GLN B 143 -11.97 22.02 -10.19
C GLN B 143 -12.06 22.12 -11.71
N HIS B 144 -10.91 22.21 -12.37
CA HIS B 144 -10.90 22.31 -13.83
C HIS B 144 -11.44 21.02 -14.45
N ILE B 145 -11.01 19.89 -13.89
CA ILE B 145 -11.47 18.58 -14.35
C ILE B 145 -12.97 18.42 -14.13
N CYS B 146 -13.49 18.99 -13.06
CA CYS B 146 -14.92 18.93 -12.77
C CYS B 146 -15.72 19.73 -13.79
N ARG B 147 -15.17 20.86 -14.23
CA ARG B 147 -15.83 21.72 -15.22
C ARG B 147 -15.89 21.03 -16.58
N HIS B 148 -14.80 20.34 -16.94
CA HIS B 148 -14.70 19.64 -18.20
C HIS B 148 -15.78 18.56 -18.30
N ILE B 149 -15.77 17.66 -17.31
CA ILE B 149 -16.72 16.55 -17.23
C ILE B 149 -18.14 17.07 -17.37
N LEU B 150 -18.45 18.12 -16.63
CA LEU B 150 -19.77 18.72 -16.66
C LEU B 150 -20.12 19.24 -18.04
N TYR B 151 -19.22 20.03 -18.63
CA TYR B 151 -19.45 20.60 -19.96
C TYR B 151 -19.57 19.55 -21.06
N ALA B 152 -18.62 18.61 -21.04
CA ALA B 152 -18.56 17.54 -22.04
C ALA B 152 -19.74 16.58 -21.97
N THR B 153 -20.21 16.31 -20.76
CA THR B 153 -21.34 15.40 -20.55
C THR B 153 -22.60 16.03 -21.13
N ASN B 154 -22.83 17.29 -20.77
CA ASN B 154 -23.98 18.05 -21.25
C ASN B 154 -25.31 17.30 -21.13
N ASN B 155 -25.46 16.53 -20.06
CA ASN B 155 -26.69 15.77 -19.81
C ASN B 155 -26.95 14.72 -20.90
N GLY B 156 -25.91 13.95 -21.23
CA GLY B 156 -26.03 12.92 -22.24
C GLY B 156 -25.71 13.34 -23.67
N ASN B 157 -25.94 14.61 -24.00
CA ASN B 157 -25.65 15.11 -25.34
C ASN B 157 -24.16 15.49 -25.38
N ILE B 158 -23.32 14.47 -25.46
CA ILE B 158 -21.86 14.63 -25.45
C ILE B 158 -21.27 15.67 -26.40
N ARG B 159 -20.35 16.46 -25.85
CA ARG B 159 -19.64 17.51 -26.61
C ARG B 159 -18.14 17.30 -26.47
N SER B 160 -17.44 17.31 -27.60
CA SER B 160 -15.99 17.11 -27.61
C SER B 160 -15.28 18.29 -26.93
N ALA B 161 -14.36 17.95 -26.04
CA ALA B 161 -13.62 18.98 -25.31
C ALA B 161 -12.28 18.49 -24.79
N ILE B 162 -11.39 19.44 -24.53
CA ILE B 162 -10.07 19.14 -24.00
C ILE B 162 -9.69 20.23 -23.00
N THR B 163 -8.92 19.86 -21.98
CA THR B 163 -8.48 20.82 -20.98
C THR B 163 -6.96 20.76 -20.95
N VAL B 164 -6.34 21.89 -21.21
CA VAL B 164 -4.89 21.97 -21.24
C VAL B 164 -4.33 22.60 -19.98
N PHE B 165 -3.50 21.83 -19.28
CA PHE B 165 -2.85 22.31 -18.06
C PHE B 165 -1.46 22.88 -18.43
N PRO B 166 -0.73 23.45 -17.45
CA PRO B 166 0.59 24.01 -17.74
C PRO B 166 1.57 23.07 -18.44
N GLN B 167 2.19 23.59 -19.50
CA GLN B 167 3.17 22.83 -20.26
C GLN B 167 4.35 22.48 -19.37
N ARG B 168 5.06 21.42 -19.72
CA ARG B 168 6.22 21.00 -18.98
C ARG B 168 7.32 22.06 -19.06
N SER B 169 7.91 22.37 -17.90
CA SER B 169 8.98 23.37 -17.83
C SER B 169 10.34 22.66 -17.78
N ASP B 170 10.74 22.23 -16.59
CA ASP B 170 12.02 21.54 -16.40
C ASP B 170 11.90 20.02 -16.23
N GLY B 171 10.66 19.52 -16.23
CA GLY B 171 10.46 18.10 -16.07
C GLY B 171 10.35 17.67 -14.62
N LYS B 172 10.63 18.59 -13.69
CA LYS B 172 10.54 18.27 -12.27
C LYS B 172 9.30 18.90 -11.66
N HIS B 173 8.54 19.63 -12.47
CA HIS B 173 7.33 20.29 -12.00
C HIS B 173 6.10 19.95 -12.86
N ASP B 174 6.07 18.73 -13.38
CA ASP B 174 4.98 18.27 -14.23
C ASP B 174 3.62 18.21 -13.57
N PHE B 175 2.60 18.53 -14.36
CA PHE B 175 1.22 18.41 -13.91
C PHE B 175 0.86 17.07 -14.53
N ARG B 176 0.33 16.14 -13.74
CA ARG B 176 -0.02 14.83 -14.28
C ARG B 176 -1.26 14.25 -13.66
N LEU B 177 -2.09 13.60 -14.47
CA LEU B 177 -3.26 12.92 -13.94
C LEU B 177 -2.78 11.48 -13.89
N TRP B 178 -2.83 10.84 -12.72
CA TRP B 178 -2.38 9.46 -12.60
C TRP B 178 -3.44 8.48 -13.08
N ASN B 179 -4.60 9.01 -13.44
CA ASN B 179 -5.69 8.19 -13.93
C ASN B 179 -5.56 7.90 -15.44
N SER B 180 -6.12 6.77 -15.86
CA SER B 180 -6.12 6.35 -17.26
C SER B 180 -7.07 7.29 -17.98
N GLN B 181 -8.29 7.36 -17.47
CA GLN B 181 -9.31 8.25 -18.01
C GLN B 181 -9.91 8.98 -16.81
N LEU B 182 -10.66 10.05 -17.08
CA LEU B 182 -11.28 10.81 -16.02
C LEU B 182 -12.21 9.94 -15.20
N ILE B 183 -13.14 9.26 -15.88
CA ILE B 183 -14.06 8.34 -15.23
C ILE B 183 -13.61 6.90 -15.51
N ARG B 184 -13.46 6.11 -14.46
CA ARG B 184 -13.01 4.75 -14.61
C ARG B 184 -13.49 3.95 -13.39
N TYR B 185 -13.69 2.65 -13.55
CA TYR B 185 -14.15 1.80 -12.47
C TYR B 185 -13.03 1.10 -11.75
N ALA B 186 -13.18 0.95 -10.45
CA ALA B 186 -12.20 0.29 -9.61
C ALA B 186 -12.18 -1.21 -9.87
N GLY B 187 -11.07 -1.84 -9.50
CA GLY B 187 -10.93 -3.27 -9.65
C GLY B 187 -10.17 -3.83 -8.46
N TYR B 188 -10.81 -4.69 -7.67
CA TYR B 188 -10.17 -5.27 -6.50
C TYR B 188 -10.07 -6.78 -6.64
N GLN B 189 -9.09 -7.38 -5.97
CA GLN B 189 -8.93 -8.83 -5.99
C GLN B 189 -9.63 -9.40 -4.78
N MET B 190 -10.79 -10.03 -5.01
CA MET B 190 -11.57 -10.62 -3.93
C MET B 190 -10.83 -11.78 -3.26
N PRO B 191 -11.14 -12.04 -1.98
CA PRO B 191 -10.53 -13.10 -1.17
C PRO B 191 -10.71 -14.50 -1.75
N ASP B 192 -11.89 -14.74 -2.32
CA ASP B 192 -12.24 -16.01 -2.93
C ASP B 192 -11.61 -16.26 -4.31
N GLY B 193 -10.41 -15.72 -4.50
CA GLY B 193 -9.69 -15.90 -5.76
C GLY B 193 -10.12 -15.02 -6.93
N THR B 194 -11.40 -14.66 -6.97
CA THR B 194 -11.94 -13.84 -8.06
C THR B 194 -11.37 -12.42 -8.13
N ILE B 195 -12.00 -11.60 -8.98
CA ILE B 195 -11.64 -10.21 -9.19
C ILE B 195 -12.94 -9.46 -9.43
N ARG B 196 -13.23 -8.47 -8.60
CA ARG B 196 -14.46 -7.70 -8.75
C ARG B 196 -14.15 -6.41 -9.47
N GLY B 197 -15.09 -5.97 -10.30
CA GLY B 197 -14.90 -4.74 -11.06
C GLY B 197 -13.96 -4.90 -12.23
N ASP B 198 -13.46 -3.77 -12.72
CA ASP B 198 -12.55 -3.73 -13.86
C ASP B 198 -11.12 -4.17 -13.50
N ALA B 199 -10.70 -5.31 -14.03
CA ALA B 199 -9.38 -5.86 -13.79
C ALA B 199 -8.22 -5.04 -14.36
N ALA B 200 -8.52 -4.21 -15.36
CA ALA B 200 -7.48 -3.37 -15.96
C ALA B 200 -6.93 -2.32 -14.98
N THR B 201 -7.78 -1.89 -14.05
CA THR B 201 -7.39 -0.88 -13.07
C THR B 201 -7.10 -1.51 -11.72
N LEU B 202 -6.43 -2.66 -11.73
CA LEU B 202 -6.09 -3.38 -10.50
C LEU B 202 -4.91 -2.78 -9.75
N GLU B 203 -3.80 -2.58 -10.45
CA GLU B 203 -2.60 -2.02 -9.83
C GLU B 203 -2.85 -0.59 -9.38
N PHE B 204 -3.63 0.14 -10.17
CA PHE B 204 -3.95 1.53 -9.86
C PHE B 204 -4.91 1.63 -8.67
N THR B 205 -5.81 0.67 -8.55
CA THR B 205 -6.76 0.67 -7.45
C THR B 205 -6.01 0.50 -6.13
N GLN B 206 -5.02 -0.39 -6.12
CA GLN B 206 -4.22 -0.63 -4.92
C GLN B 206 -3.46 0.63 -4.53
N LEU B 207 -2.94 1.35 -5.53
CA LEU B 207 -2.20 2.57 -5.29
C LEU B 207 -3.11 3.63 -4.66
N CYS B 208 -4.36 3.64 -5.09
CA CYS B 208 -5.34 4.58 -4.55
C CYS B 208 -5.59 4.24 -3.08
N ILE B 209 -5.68 2.95 -2.78
CA ILE B 209 -5.90 2.47 -1.42
C ILE B 209 -4.74 2.94 -0.54
N ASP B 210 -3.53 2.70 -1.02
CA ASP B 210 -2.31 3.08 -0.32
C ASP B 210 -2.27 4.59 -0.06
N LEU B 211 -3.00 5.35 -0.87
CA LEU B 211 -3.05 6.80 -0.73
C LEU B 211 -4.25 7.29 0.07
N GLY B 212 -4.89 6.37 0.78
CA GLY B 212 -6.02 6.71 1.62
C GLY B 212 -7.41 6.69 1.02
N TRP B 213 -7.60 5.97 -0.09
CA TRP B 213 -8.91 5.92 -0.70
C TRP B 213 -9.76 4.83 -0.05
N LYS B 214 -11.04 5.15 0.18
CA LYS B 214 -11.99 4.22 0.79
C LYS B 214 -12.58 3.28 -0.27
N PRO B 215 -12.09 2.02 -0.33
CA PRO B 215 -12.57 1.02 -1.29
C PRO B 215 -14.00 0.54 -1.00
N ARG B 216 -14.95 0.88 -1.87
CA ARG B 216 -16.34 0.48 -1.67
C ARG B 216 -16.64 -0.96 -2.11
N TYR B 217 -15.59 -1.70 -2.51
CA TYR B 217 -15.68 -3.09 -2.95
C TYR B 217 -16.92 -3.46 -3.77
N GLY B 218 -16.98 -2.99 -5.01
CA GLY B 218 -18.11 -3.27 -5.87
C GLY B 218 -17.71 -3.53 -7.30
N ARG B 219 -18.69 -3.62 -8.20
CA ARG B 219 -18.44 -3.88 -9.61
C ARG B 219 -18.19 -2.59 -10.39
N PHE B 220 -18.99 -1.57 -10.10
CA PHE B 220 -18.87 -0.28 -10.76
C PHE B 220 -18.53 0.90 -9.83
N ASP B 221 -17.40 0.80 -9.13
CA ASP B 221 -16.97 1.88 -8.24
C ASP B 221 -16.06 2.90 -8.93
N VAL B 222 -16.61 4.08 -9.18
CA VAL B 222 -15.86 5.15 -9.82
C VAL B 222 -14.63 5.51 -8.98
N LEU B 223 -13.45 5.32 -9.56
CA LEU B 223 -12.19 5.61 -8.88
C LEU B 223 -11.99 7.11 -8.69
N PRO B 224 -11.18 7.49 -7.68
CA PRO B 224 -10.89 8.89 -7.37
C PRO B 224 -9.81 9.49 -8.27
N LEU B 225 -9.90 10.79 -8.49
CA LEU B 225 -8.94 11.51 -9.30
C LEU B 225 -7.66 11.61 -8.48
N VAL B 226 -6.56 11.18 -9.08
CA VAL B 226 -5.24 11.22 -8.45
C VAL B 226 -4.47 12.27 -9.22
N LEU B 227 -4.40 13.48 -8.67
CA LEU B 227 -3.75 14.60 -9.34
C LEU B 227 -2.46 15.10 -8.73
N GLN B 228 -1.47 15.31 -9.59
CA GLN B 228 -0.20 15.84 -9.14
C GLN B 228 0.05 17.17 -9.85
N ALA B 229 0.21 18.22 -9.06
CA ALA B 229 0.45 19.53 -9.60
C ALA B 229 1.87 20.02 -9.33
N ASP B 230 2.44 20.73 -10.30
CA ASP B 230 3.77 21.29 -10.18
C ASP B 230 4.79 20.33 -9.55
N GLY B 231 4.77 19.08 -10.00
CA GLY B 231 5.69 18.08 -9.48
C GLY B 231 5.47 17.51 -8.09
N GLN B 232 4.49 18.04 -7.35
CA GLN B 232 4.20 17.55 -6.00
C GLN B 232 3.68 16.13 -6.01
N ASP B 233 3.60 15.53 -4.82
CA ASP B 233 3.07 14.18 -4.70
C ASP B 233 1.58 14.28 -5.01
N PRO B 234 1.00 13.21 -5.59
CA PRO B 234 -0.41 13.19 -5.94
C PRO B 234 -1.39 13.27 -4.78
N GLU B 235 -2.49 13.99 -5.02
CA GLU B 235 -3.54 14.17 -4.03
C GLU B 235 -4.79 13.43 -4.54
N VAL B 236 -5.47 12.76 -3.61
CA VAL B 236 -6.65 11.99 -3.93
C VAL B 236 -7.94 12.81 -3.83
N PHE B 237 -8.72 12.79 -4.90
CA PHE B 237 -9.97 13.53 -4.97
C PHE B 237 -11.10 12.65 -5.47
N GLU B 238 -12.06 12.40 -4.60
CA GLU B 238 -13.23 11.61 -4.96
C GLU B 238 -13.99 12.45 -5.98
N ILE B 239 -14.46 11.82 -7.06
CA ILE B 239 -15.20 12.56 -8.07
C ILE B 239 -16.65 12.71 -7.63
N PRO B 240 -17.16 13.94 -7.62
CA PRO B 240 -18.54 14.26 -7.24
C PRO B 240 -19.53 13.45 -8.07
N PRO B 241 -20.19 12.46 -7.44
CA PRO B 241 -21.16 11.56 -8.05
C PRO B 241 -22.15 12.17 -9.04
N ASP B 242 -22.62 13.39 -8.77
CA ASP B 242 -23.54 14.05 -9.68
C ASP B 242 -22.92 14.32 -11.05
N LEU B 243 -21.60 14.27 -11.13
CA LEU B 243 -20.91 14.53 -12.39
C LEU B 243 -20.73 13.31 -13.27
N VAL B 244 -20.73 12.13 -12.63
CA VAL B 244 -20.54 10.87 -13.33
C VAL B 244 -21.84 10.26 -13.90
N LEU B 245 -22.16 10.60 -15.13
CA LEU B 245 -23.36 10.09 -15.79
C LEU B 245 -23.11 8.65 -16.28
N GLU B 246 -24.00 7.75 -15.91
CA GLU B 246 -23.89 6.35 -16.29
C GLU B 246 -25.11 5.86 -17.06
N VAL B 247 -24.89 4.87 -17.93
CA VAL B 247 -25.94 4.29 -18.74
C VAL B 247 -26.16 2.85 -18.28
N THR B 248 -27.40 2.53 -17.91
CA THR B 248 -27.73 1.17 -17.48
C THR B 248 -28.07 0.34 -18.71
N MET B 249 -27.42 -0.82 -18.81
CA MET B 249 -27.61 -1.72 -19.94
C MET B 249 -28.88 -2.56 -19.93
N GLU B 250 -29.57 -2.56 -21.06
CA GLU B 250 -30.79 -3.36 -21.20
C GLU B 250 -31.13 -3.65 -22.67
N HIS B 251 -31.34 -4.92 -22.95
CA HIS B 251 -31.66 -5.40 -24.29
C HIS B 251 -33.10 -5.05 -24.67
N PRO B 252 -33.32 -4.63 -25.92
CA PRO B 252 -34.65 -4.26 -26.42
C PRO B 252 -35.58 -5.46 -26.65
N LYS B 253 -35.08 -6.66 -26.34
CA LYS B 253 -35.85 -7.88 -26.51
C LYS B 253 -35.65 -8.84 -25.34
N TYR B 254 -34.41 -8.96 -24.88
CA TYR B 254 -34.07 -9.85 -23.76
C TYR B 254 -34.17 -9.11 -22.43
N GLU B 255 -35.26 -9.34 -21.69
CA GLU B 255 -35.49 -8.68 -20.41
C GLU B 255 -34.54 -9.11 -19.31
N TRP B 256 -34.02 -10.32 -19.41
CA TRP B 256 -33.09 -10.86 -18.43
C TRP B 256 -31.74 -10.16 -18.46
N PHE B 257 -31.49 -9.41 -19.53
CA PHE B 257 -30.23 -8.69 -19.69
C PHE B 257 -30.01 -7.69 -18.56
N GLN B 258 -31.06 -6.96 -18.20
CA GLN B 258 -31.03 -5.98 -17.13
C GLN B 258 -30.63 -6.64 -15.81
N GLU B 259 -31.08 -7.87 -15.60
CA GLU B 259 -30.78 -8.64 -14.40
C GLU B 259 -29.28 -8.82 -14.19
N LEU B 260 -28.50 -8.57 -15.24
CA LEU B 260 -27.05 -8.71 -15.15
C LEU B 260 -26.44 -7.56 -14.35
N GLY B 261 -27.19 -6.47 -14.23
CA GLY B 261 -26.73 -5.32 -13.48
C GLY B 261 -25.46 -4.74 -14.06
N LEU B 262 -25.55 -4.34 -15.32
CA LEU B 262 -24.41 -3.78 -16.03
C LEU B 262 -24.67 -2.33 -16.38
N LYS B 263 -23.60 -1.54 -16.32
CA LYS B 263 -23.67 -0.12 -16.66
C LYS B 263 -22.30 0.37 -17.06
N TRP B 264 -22.27 1.54 -17.68
CA TRP B 264 -21.01 2.14 -18.09
C TRP B 264 -21.15 3.65 -18.15
N TYR B 265 -20.05 4.34 -17.91
CA TYR B 265 -20.07 5.79 -17.97
C TYR B 265 -20.25 6.25 -19.41
N ALA B 266 -20.86 7.41 -19.57
CA ALA B 266 -21.14 7.96 -20.87
C ALA B 266 -20.00 8.80 -21.44
N LEU B 267 -19.00 9.07 -20.61
CA LEU B 267 -17.91 9.93 -21.03
C LEU B 267 -16.54 9.29 -21.15
N PRO B 268 -16.10 9.04 -22.40
CA PRO B 268 -14.79 8.44 -22.68
C PRO B 268 -13.80 9.60 -22.65
N ALA B 269 -13.02 9.70 -21.58
CA ALA B 269 -12.08 10.80 -21.46
C ALA B 269 -10.66 10.37 -21.15
N VAL B 270 -9.81 10.32 -22.17
CA VAL B 270 -8.42 9.92 -21.98
C VAL B 270 -7.76 10.98 -21.12
N ALA B 271 -7.09 10.54 -20.06
CA ALA B 271 -6.49 11.47 -19.12
C ALA B 271 -4.98 11.42 -18.97
N ASN B 272 -4.36 10.38 -19.49
CA ASN B 272 -2.92 10.24 -19.33
C ASN B 272 -2.00 10.52 -20.51
N MET B 273 -2.50 11.16 -21.56
CA MET B 273 -1.68 11.44 -22.73
C MET B 273 -1.00 12.81 -22.75
N LEU B 274 0.05 12.92 -23.56
CA LEU B 274 0.80 14.16 -23.68
C LEU B 274 0.56 14.83 -25.01
N LEU B 275 0.29 16.14 -24.97
CA LEU B 275 0.08 16.92 -26.18
C LEU B 275 1.36 17.66 -26.61
N GLU B 276 1.91 17.28 -27.75
CA GLU B 276 3.12 17.87 -28.28
C GLU B 276 2.77 18.87 -29.37
N VAL B 277 3.25 20.10 -29.22
CA VAL B 277 3.03 21.13 -30.20
C VAL B 277 4.21 22.08 -30.26
N GLY B 278 4.75 22.26 -31.47
CA GLY B 278 5.86 23.18 -31.66
C GLY B 278 7.07 22.94 -30.78
N GLY B 279 7.32 21.69 -30.44
CA GLY B 279 8.46 21.35 -29.60
C GLY B 279 8.13 21.30 -28.12
N LEU B 280 7.06 21.95 -27.70
CA LEU B 280 6.73 21.88 -26.29
C LEU B 280 5.71 20.79 -25.95
N GLU B 281 5.68 20.43 -24.67
CA GLU B 281 4.83 19.35 -24.21
C GLU B 281 3.92 19.64 -23.04
N PHE B 282 2.68 19.15 -23.16
CA PHE B 282 1.69 19.30 -22.12
C PHE B 282 1.41 17.91 -21.53
N PRO B 283 2.07 17.57 -20.41
CA PRO B 283 1.88 16.26 -19.76
C PRO B 283 0.52 16.03 -19.12
N ALA B 284 -0.32 17.06 -19.12
CA ALA B 284 -1.66 16.93 -18.57
C ALA B 284 -2.63 17.66 -19.51
N CYS B 285 -3.45 16.91 -20.22
CA CYS B 285 -4.42 17.50 -21.13
C CYS B 285 -5.48 16.46 -21.47
N PRO B 286 -6.37 16.19 -20.52
CA PRO B 286 -7.44 15.22 -20.69
C PRO B 286 -8.41 15.66 -21.79
N PHE B 287 -8.83 14.73 -22.61
CA PHE B 287 -9.75 15.07 -23.68
C PHE B 287 -10.82 14.01 -23.82
N ASN B 288 -11.87 14.37 -24.56
CA ASN B 288 -12.94 13.42 -24.81
C ASN B 288 -13.75 13.79 -26.06
N GLY B 289 -14.40 12.78 -26.61
CA GLY B 289 -15.29 12.95 -27.75
C GLY B 289 -16.42 12.07 -27.25
N TRP B 290 -17.06 11.30 -28.13
CA TRP B 290 -18.11 10.38 -27.68
C TRP B 290 -17.72 8.93 -27.96
N TYR B 291 -18.48 7.99 -27.42
CA TYR B 291 -18.21 6.56 -27.56
C TYR B 291 -18.62 5.90 -28.88
N MET B 292 -17.99 4.77 -29.15
CA MET B 292 -18.32 3.95 -30.30
C MET B 292 -18.69 2.67 -29.57
N GLY B 293 -19.92 2.22 -29.80
CA GLY B 293 -20.46 1.04 -29.14
C GLY B 293 -19.53 -0.09 -28.80
N THR B 294 -18.72 -0.47 -29.78
CA THR B 294 -17.78 -1.57 -29.61
C THR B 294 -16.78 -1.38 -28.49
N GLU B 295 -16.48 -0.11 -28.18
CA GLU B 295 -15.54 0.18 -27.09
C GLU B 295 -16.06 -0.44 -25.80
N ILE B 296 -17.36 -0.27 -25.56
CA ILE B 296 -18.01 -0.80 -24.37
C ILE B 296 -18.49 -2.23 -24.57
N GLY B 297 -19.33 -2.41 -25.60
CA GLY B 297 -19.88 -3.72 -25.87
C GLY B 297 -18.90 -4.86 -26.07
N VAL B 298 -17.84 -4.58 -26.82
CA VAL B 298 -16.85 -5.60 -27.14
C VAL B 298 -15.63 -5.66 -26.24
N ARG B 299 -14.92 -4.54 -26.13
CA ARG B 299 -13.70 -4.49 -25.32
C ARG B 299 -13.97 -4.47 -23.80
N ASP B 300 -14.58 -3.39 -23.33
CA ASP B 300 -14.87 -3.25 -21.89
C ASP B 300 -15.63 -4.45 -21.30
N PHE B 301 -16.73 -4.84 -21.94
CA PHE B 301 -17.53 -5.96 -21.46
C PHE B 301 -17.03 -7.37 -21.78
N CYS B 302 -16.49 -7.59 -22.99
CA CYS B 302 -16.06 -8.95 -23.36
C CYS B 302 -14.60 -9.39 -23.30
N ASP B 303 -13.67 -8.45 -23.13
CA ASP B 303 -12.25 -8.80 -23.02
C ASP B 303 -12.06 -9.71 -21.81
N THR B 304 -11.17 -10.70 -21.92
CA THR B 304 -10.92 -11.61 -20.81
C THR B 304 -10.18 -10.90 -19.67
N GLN B 305 -9.41 -9.87 -20.01
CA GLN B 305 -8.65 -9.08 -19.04
C GLN B 305 -9.48 -7.94 -18.43
N ARG B 306 -10.72 -7.83 -18.86
CA ARG B 306 -11.62 -6.80 -18.35
C ARG B 306 -12.78 -7.48 -17.61
N TYR B 307 -14.01 -7.09 -17.91
CA TYR B 307 -15.18 -7.67 -17.26
C TYR B 307 -15.44 -9.15 -17.53
N ASN B 308 -15.17 -9.61 -18.76
CA ASN B 308 -15.34 -11.02 -19.14
C ASN B 308 -16.77 -11.56 -18.99
N ILE B 309 -17.77 -10.86 -19.52
CA ILE B 309 -19.17 -11.28 -19.42
C ILE B 309 -19.72 -12.12 -20.58
N LEU B 310 -18.86 -12.52 -21.52
CA LEU B 310 -19.30 -13.30 -22.68
C LEU B 310 -19.99 -14.61 -22.34
N GLU B 311 -19.34 -15.45 -21.56
CA GLU B 311 -19.91 -16.74 -21.19
C GLU B 311 -21.27 -16.59 -20.52
N GLU B 312 -21.35 -15.75 -19.49
CA GLU B 312 -22.60 -15.52 -18.77
C GLU B 312 -23.71 -15.10 -19.71
N VAL B 313 -23.39 -14.30 -20.72
CA VAL B 313 -24.40 -13.84 -21.67
C VAL B 313 -24.78 -14.98 -22.63
N GLY B 314 -23.79 -15.76 -23.04
CA GLY B 314 -24.05 -16.88 -23.92
C GLY B 314 -24.86 -17.92 -23.19
N ARG B 315 -24.57 -18.06 -21.90
CA ARG B 315 -25.23 -19.00 -21.00
C ARG B 315 -26.72 -18.69 -20.97
N ARG B 316 -27.04 -17.43 -20.69
CA ARG B 316 -28.42 -16.97 -20.60
C ARG B 316 -29.14 -16.89 -21.93
N MET B 317 -28.39 -17.02 -23.02
CA MET B 317 -28.99 -17.01 -24.35
C MET B 317 -29.33 -18.45 -24.76
N GLY B 318 -28.90 -19.40 -23.91
CA GLY B 318 -29.14 -20.81 -24.17
C GLY B 318 -28.04 -21.45 -25.01
N LEU B 319 -27.46 -20.64 -25.90
CA LEU B 319 -26.39 -21.03 -26.83
C LEU B 319 -25.40 -22.08 -26.33
N GLU B 320 -24.81 -22.80 -27.29
CA GLU B 320 -23.85 -23.87 -27.02
C GLU B 320 -22.51 -23.30 -26.52
N THR B 321 -22.47 -22.99 -25.23
CA THR B 321 -21.30 -22.41 -24.58
C THR B 321 -20.05 -23.28 -24.52
N HIS B 322 -20.22 -24.59 -24.69
CA HIS B 322 -19.08 -25.50 -24.62
C HIS B 322 -18.53 -25.94 -25.98
N THR B 323 -19.00 -25.32 -27.06
CA THR B 323 -18.55 -25.66 -28.41
C THR B 323 -18.25 -24.42 -29.24
N LEU B 324 -16.96 -24.11 -29.40
CA LEU B 324 -16.53 -22.94 -30.15
C LEU B 324 -17.15 -22.86 -31.55
N ALA B 325 -17.16 -23.99 -32.25
CA ALA B 325 -17.68 -24.04 -33.61
C ALA B 325 -19.11 -23.53 -33.76
N SER B 326 -19.85 -23.52 -32.65
CA SER B 326 -21.23 -23.06 -32.66
C SER B 326 -21.32 -21.59 -32.97
N LEU B 327 -20.22 -20.88 -32.73
CA LEU B 327 -20.14 -19.42 -32.96
C LEU B 327 -21.03 -18.65 -31.99
N TRP B 328 -21.14 -19.19 -30.77
CA TRP B 328 -21.95 -18.57 -29.71
C TRP B 328 -21.40 -17.22 -29.34
N LYS B 329 -20.06 -17.13 -29.31
CA LYS B 329 -19.38 -15.89 -28.98
C LYS B 329 -19.78 -14.81 -29.98
N ASP B 330 -19.92 -15.19 -31.24
CA ASP B 330 -20.31 -14.23 -32.28
C ASP B 330 -21.73 -13.77 -32.04
N ARG B 331 -22.59 -14.67 -31.57
CA ARG B 331 -23.98 -14.34 -31.30
C ARG B 331 -24.13 -13.45 -30.07
N ALA B 332 -23.45 -13.84 -29.00
CA ALA B 332 -23.49 -13.12 -27.73
C ALA B 332 -23.02 -11.67 -27.85
N VAL B 333 -21.78 -11.48 -28.30
CA VAL B 333 -21.22 -10.14 -28.42
C VAL B 333 -22.06 -9.21 -29.29
N THR B 334 -22.77 -9.78 -30.26
CA THR B 334 -23.64 -8.98 -31.12
C THR B 334 -24.81 -8.46 -30.30
N GLU B 335 -25.35 -9.31 -29.44
CA GLU B 335 -26.48 -8.92 -28.61
C GLU B 335 -26.06 -7.90 -27.56
N ILE B 336 -24.85 -8.07 -27.02
CA ILE B 336 -24.30 -7.14 -26.05
C ILE B 336 -24.10 -5.80 -26.77
N ASN B 337 -23.67 -5.87 -28.03
CA ASN B 337 -23.46 -4.66 -28.83
C ASN B 337 -24.76 -3.91 -29.11
N VAL B 338 -25.86 -4.61 -29.38
CA VAL B 338 -27.12 -3.91 -29.66
C VAL B 338 -27.70 -3.36 -28.37
N ALA B 339 -27.36 -3.98 -27.25
CA ALA B 339 -27.82 -3.57 -25.93
C ALA B 339 -27.21 -2.21 -25.62
N VAL B 340 -25.88 -2.15 -25.69
CA VAL B 340 -25.15 -0.92 -25.44
C VAL B 340 -25.75 0.19 -26.29
N LEU B 341 -25.89 -0.07 -27.58
CA LEU B 341 -26.47 0.93 -28.48
C LEU B 341 -27.90 1.31 -28.10
N HIS B 342 -28.69 0.30 -27.74
CA HIS B 342 -30.08 0.52 -27.35
C HIS B 342 -30.16 1.34 -26.07
N SER B 343 -29.37 0.95 -25.07
CA SER B 343 -29.33 1.64 -23.80
C SER B 343 -29.02 3.14 -23.95
N PHE B 344 -27.91 3.45 -24.63
CA PHE B 344 -27.49 4.83 -24.86
C PHE B 344 -28.55 5.61 -25.64
N GLN B 345 -29.20 4.93 -26.58
CA GLN B 345 -30.22 5.55 -27.42
C GLN B 345 -31.48 5.91 -26.62
N LYS B 346 -31.85 5.00 -25.72
CA LYS B 346 -33.03 5.16 -24.88
C LYS B 346 -32.83 6.32 -23.92
N GLN B 347 -31.74 6.25 -23.15
CA GLN B 347 -31.39 7.28 -22.17
C GLN B 347 -30.88 8.58 -22.77
N ASN B 348 -31.03 8.71 -24.09
CA ASN B 348 -30.60 9.89 -24.83
C ASN B 348 -29.16 10.35 -24.65
N VAL B 349 -28.24 9.37 -24.62
CA VAL B 349 -26.82 9.64 -24.49
C VAL B 349 -26.16 9.37 -25.84
N THR B 350 -25.45 10.37 -26.36
CA THR B 350 -24.77 10.25 -27.64
C THR B 350 -23.88 9.02 -27.73
N ILE B 351 -23.96 8.36 -28.89
CA ILE B 351 -23.14 7.19 -29.16
C ILE B 351 -23.20 6.87 -30.65
N MET B 352 -22.14 6.23 -31.14
CA MET B 352 -22.09 5.89 -32.56
C MET B 352 -21.71 4.44 -32.71
N ASP B 353 -22.37 3.77 -33.66
CA ASP B 353 -22.06 2.35 -33.92
C ASP B 353 -20.88 2.30 -34.89
N HIS B 354 -20.16 1.18 -34.89
CA HIS B 354 -18.99 1.03 -35.76
C HIS B 354 -19.20 1.19 -37.27
N HIS B 355 -20.32 0.73 -37.79
CA HIS B 355 -20.57 0.86 -39.23
C HIS B 355 -20.65 2.33 -39.60
N THR B 356 -21.50 3.07 -38.88
CA THR B 356 -21.64 4.49 -39.16
C THR B 356 -20.32 5.24 -38.96
N ALA B 357 -19.59 4.86 -37.91
CA ALA B 357 -18.30 5.47 -37.59
C ALA B 357 -17.31 5.31 -38.74
N SER B 358 -17.28 4.09 -39.27
CA SER B 358 -16.40 3.73 -40.37
C SER B 358 -16.72 4.48 -41.66
N GLU B 359 -18.01 4.63 -41.97
CA GLU B 359 -18.39 5.32 -43.19
C GLU B 359 -17.97 6.79 -43.14
N SER B 360 -18.13 7.42 -41.97
CA SER B 360 -17.74 8.82 -41.82
C SER B 360 -16.23 8.97 -41.88
N PHE B 361 -15.50 8.03 -41.29
CA PHE B 361 -14.04 8.12 -41.35
C PHE B 361 -13.62 8.04 -42.83
N MET B 362 -14.29 7.17 -43.60
CA MET B 362 -13.99 7.02 -45.02
C MET B 362 -14.22 8.32 -45.77
N LYS B 363 -15.29 9.02 -45.41
CA LYS B 363 -15.61 10.31 -46.01
C LYS B 363 -14.58 11.34 -45.54
N HIS B 364 -14.15 11.21 -44.28
CA HIS B 364 -13.15 12.12 -43.72
C HIS B 364 -11.82 11.95 -44.44
N MET B 365 -11.46 10.69 -44.67
CA MET B 365 -10.21 10.35 -45.33
C MET B 365 -10.15 10.90 -46.75
N GLN B 366 -11.27 10.79 -47.47
CA GLN B 366 -11.37 11.30 -48.83
C GLN B 366 -11.26 12.82 -48.83
N ASN B 367 -11.91 13.48 -47.87
CA ASN B 367 -11.85 14.94 -47.78
C ASN B 367 -10.41 15.31 -47.49
N GLU B 368 -9.75 14.47 -46.71
CA GLU B 368 -8.37 14.69 -46.30
C GLU B 368 -7.31 14.61 -47.41
N TYR B 369 -7.42 13.63 -48.30
CA TYR B 369 -6.45 13.53 -49.39
C TYR B 369 -6.58 14.70 -50.36
N ARG B 370 -7.81 15.12 -50.58
CA ARG B 370 -8.11 16.24 -51.45
C ARG B 370 -7.53 17.49 -50.81
N ALA B 371 -7.82 17.64 -49.52
CA ALA B 371 -7.37 18.79 -48.73
C ALA B 371 -5.86 18.94 -48.57
N ARG B 372 -5.18 17.89 -48.11
CA ARG B 372 -3.74 17.99 -47.91
C ARG B 372 -2.88 16.83 -48.35
N GLY B 373 -3.42 16.01 -49.26
CA GLY B 373 -2.68 14.88 -49.79
C GLY B 373 -2.34 13.76 -48.84
N GLY B 374 -3.16 13.52 -47.82
CA GLY B 374 -2.87 12.44 -46.89
C GLY B 374 -3.65 12.44 -45.59
N CYS B 375 -3.53 11.33 -44.86
CA CYS B 375 -4.20 11.13 -43.56
C CYS B 375 -3.53 9.99 -42.81
N PRO B 376 -2.75 10.31 -41.76
CA PRO B 376 -2.08 9.24 -41.00
C PRO B 376 -3.21 8.41 -40.38
N ALA B 377 -3.13 7.09 -40.56
CA ALA B 377 -4.17 6.22 -40.06
C ALA B 377 -3.58 4.88 -39.68
N ASP B 378 -3.98 4.38 -38.51
CA ASP B 378 -3.51 3.09 -38.02
C ASP B 378 -4.65 2.10 -38.23
N TRP B 379 -4.50 1.32 -39.28
CA TRP B 379 -5.47 0.33 -39.68
C TRP B 379 -5.93 -0.55 -38.50
N ILE B 380 -4.97 -1.08 -37.76
CA ILE B 380 -5.18 -1.98 -36.63
C ILE B 380 -6.11 -1.41 -35.53
N TRP B 381 -6.12 -0.09 -35.37
CA TRP B 381 -6.98 0.55 -34.38
C TRP B 381 -8.27 1.07 -34.99
N LEU B 382 -8.20 1.49 -36.26
CA LEU B 382 -9.36 2.04 -36.96
C LEU B 382 -10.39 0.99 -37.34
N VAL B 383 -9.94 -0.24 -37.52
CA VAL B 383 -10.88 -1.30 -37.87
C VAL B 383 -11.47 -1.82 -36.56
N PRO B 384 -12.80 -1.73 -36.42
CA PRO B 384 -13.57 -2.18 -35.26
C PRO B 384 -13.26 -3.61 -34.83
N PRO B 385 -13.26 -3.88 -33.52
CA PRO B 385 -12.99 -5.20 -32.93
C PRO B 385 -14.06 -6.24 -33.27
N VAL B 386 -15.01 -5.84 -34.11
CA VAL B 386 -16.08 -6.72 -34.53
C VAL B 386 -16.50 -6.30 -35.95
N SER B 387 -16.79 -7.28 -36.80
CA SER B 387 -17.27 -7.02 -38.17
C SER B 387 -16.32 -6.27 -39.10
N GLY B 388 -15.03 -6.59 -39.00
CA GLY B 388 -14.03 -5.93 -39.83
C GLY B 388 -14.35 -5.73 -41.30
N SER B 389 -14.24 -6.79 -42.11
CA SER B 389 -14.49 -6.66 -43.55
C SER B 389 -15.86 -6.11 -43.94
N ILE B 390 -16.84 -6.20 -43.05
CA ILE B 390 -18.18 -5.66 -43.29
C ILE B 390 -18.09 -4.15 -43.28
N THR B 391 -17.02 -3.66 -42.67
CA THR B 391 -16.73 -2.24 -42.55
C THR B 391 -15.86 -1.76 -43.72
N PRO B 392 -16.09 -0.52 -44.20
CA PRO B 392 -15.32 0.04 -45.32
C PRO B 392 -13.83 0.27 -45.05
N VAL B 393 -13.48 0.63 -43.81
CA VAL B 393 -12.09 0.91 -43.46
C VAL B 393 -11.18 -0.29 -43.64
N PHE B 394 -11.73 -1.47 -43.43
CA PHE B 394 -10.98 -2.72 -43.58
C PHE B 394 -10.38 -2.86 -44.99
N HIS B 395 -11.12 -2.38 -45.99
CA HIS B 395 -10.72 -2.46 -47.40
C HIS B 395 -9.90 -1.28 -47.90
N GLN B 396 -9.62 -0.33 -47.01
CA GLN B 396 -8.86 0.85 -47.35
C GLN B 396 -7.41 0.72 -46.87
N GLU B 397 -6.46 0.74 -47.81
CA GLU B 397 -5.05 0.65 -47.44
C GLU B 397 -4.70 2.00 -46.83
N MET B 398 -3.85 2.00 -45.80
CA MET B 398 -3.49 3.25 -45.18
C MET B 398 -2.04 3.36 -44.72
N LEU B 399 -1.59 4.60 -44.60
CA LEU B 399 -0.24 4.86 -44.15
C LEU B 399 -0.29 5.44 -42.74
N ASN B 400 0.55 4.89 -41.87
CA ASN B 400 0.63 5.33 -40.49
C ASN B 400 1.93 6.09 -40.30
N TYR B 401 1.84 7.28 -39.73
CA TYR B 401 3.01 8.11 -39.46
C TYR B 401 2.69 9.14 -38.41
N VAL B 402 3.72 9.65 -37.74
CA VAL B 402 3.56 10.65 -36.69
C VAL B 402 3.84 12.06 -37.20
N LEU B 403 2.81 12.91 -37.17
CA LEU B 403 2.97 14.29 -37.59
C LEU B 403 3.08 15.13 -36.33
N SER B 404 2.84 16.44 -36.45
CA SER B 404 2.93 17.34 -35.32
C SER B 404 2.05 18.54 -35.63
N PRO B 405 1.28 19.03 -34.65
CA PRO B 405 1.12 18.54 -33.27
C PRO B 405 0.59 17.11 -33.14
N PHE B 406 0.85 16.48 -31.99
CA PHE B 406 0.48 15.07 -31.77
C PHE B 406 0.19 14.68 -30.30
N TYR B 407 -0.60 13.62 -30.12
CA TYR B 407 -0.96 13.11 -28.79
C TYR B 407 -0.17 11.84 -28.50
N TYR B 408 0.76 11.94 -27.54
CA TYR B 408 1.62 10.81 -27.16
C TYR B 408 1.25 10.11 -25.88
N TYR B 409 1.75 8.89 -25.71
CA TYR B 409 1.54 8.15 -24.48
C TYR B 409 2.67 8.62 -23.54
N GLN B 410 2.56 8.26 -22.27
CA GLN B 410 3.57 8.62 -21.26
C GLN B 410 3.83 7.40 -20.37
N ILE B 411 4.98 7.40 -19.70
CA ILE B 411 5.31 6.30 -18.78
C ILE B 411 4.47 6.53 -17.53
N GLU B 412 3.90 5.46 -17.00
CA GLU B 412 3.06 5.53 -15.79
C GLU B 412 3.82 6.25 -14.66
N PRO B 413 3.29 7.41 -14.23
CA PRO B 413 3.84 8.28 -13.18
C PRO B 413 4.45 7.60 -11.94
N TRP B 414 3.73 6.67 -11.33
CA TRP B 414 4.24 5.96 -10.14
C TRP B 414 5.56 5.24 -10.36
N LYS B 415 5.84 4.88 -11.61
CA LYS B 415 7.09 4.20 -11.93
C LYS B 415 8.28 5.16 -11.89
N THR B 416 8.03 6.42 -12.21
CA THR B 416 9.09 7.42 -12.24
C THR B 416 8.63 8.69 -11.53
N HIS B 417 8.66 8.65 -10.21
CA HIS B 417 8.24 9.78 -9.38
C HIS B 417 9.08 9.91 -8.12
N ILE B 418 9.66 11.10 -7.95
CA ILE B 418 10.47 11.44 -6.79
C ILE B 418 9.52 11.77 -5.65
N TRP B 419 9.35 10.83 -4.72
CA TRP B 419 8.45 11.05 -3.59
C TRP B 419 8.99 12.01 -2.52
N GLN B 420 8.12 12.38 -1.58
CA GLN B 420 8.45 13.29 -0.48
C GLN B 420 8.91 14.67 -0.96
#